data_4JO1
#
_entry.id   4JO1
#
_cell.length_a   70.514
_cell.length_b   74.347
_cell.length_c   84.438
_cell.angle_alpha   90.00
_cell.angle_beta   90.01
_cell.angle_gamma   90.00
#
_symmetry.space_group_name_H-M   'P 1 21 1'
#
loop_
_entity.id
_entity.type
_entity.pdbx_description
1 polymer 'monoclonal anti-HIV-1 gp120 V3 antibody R56 light chain'
2 polymer 'monoclonal anti-HIV-1 gp120 V3 antibody R56 heavy chain'
3 polymer gp120
4 non-polymer 'CALCIUM ION'
5 water water
#
loop_
_entity_poly.entity_id
_entity_poly.type
_entity_poly.pdbx_seq_one_letter_code
_entity_poly.pdbx_strand_id
1 'polypeptide(L)'
;QVLTQTPSSVSTAVGSAVTINCQSSQNVYSNNNLAWFQQKPGQPPRLLIYDASKLASGVPSRFKGSGSGTQFTFTISDVQ
CDDAATFYCLGGYDCSSGDCAAFGGGTEVVVRGDPVAPTVLIFPPAADQVATGTVTIVCVANKYFPDVTVTWEVDGTTQT
TGIENSKTPQNSADCTYNLSSTLTLTSTQYNSHKEYTCKVTQGTTSVVQSFNRGDC
;
L,M
2 'polypeptide(L)'
;QSLEESGGDLVQPGASLTLTCKASGFSFGNNYDMCWVRQAPGKGLEWIGCIETGSSDSAAYATWAKGRFTISKTSSTTVT
LQMTSLTAADTATYFCARNFDLWGPGTLVIVSSGQPKAPSVFPLAPCCGDTPSSTVTLGCLVKGYLPEPVTVTWNSGTLT
NGVRTFPSVRQSSGLYSLSSVVSVTSSSQPVTCNVAHPATNTKVDKTVAPSTC
;
H,I
3 'polypeptide(L)' NNTRKSIHIGPGRAFYTTGEIIG P,Q
#
# COMPACT_ATOMS: atom_id res chain seq x y z
N GLN A 1 51.39 10.00 0.53
CA GLN A 1 50.87 8.66 0.65
C GLN A 1 49.65 8.62 -0.24
N VAL A 2 49.61 7.63 -1.12
CA VAL A 2 48.51 7.51 -2.08
C VAL A 2 47.95 6.11 -1.97
N LEU A 3 46.64 6.01 -1.82
CA LEU A 3 45.96 4.72 -1.62
C LEU A 3 45.07 4.48 -2.84
N THR A 4 45.45 3.52 -3.68
CA THR A 4 44.77 3.32 -4.96
C THR A 4 43.71 2.23 -4.85
N GLN A 5 42.44 2.58 -5.03
CA GLN A 5 41.34 1.65 -4.82
C GLN A 5 40.72 1.17 -6.14
N THR A 6 40.56 -0.14 -6.28
CA THR A 6 40.06 -0.74 -7.51
C THR A 6 39.11 -1.88 -7.17
N PRO A 7 38.07 -2.10 -8.00
CA PRO A 7 37.73 -1.32 -9.20
C PRO A 7 36.96 -0.07 -8.80
N SER A 8 36.73 0.86 -9.73
CA SER A 8 35.96 2.06 -9.42
C SER A 8 34.46 1.75 -9.35
N SER A 9 34.03 0.68 -10.03
CA SER A 9 32.65 0.23 -9.89
C SER A 9 32.55 -1.24 -10.23
N VAL A 10 31.51 -1.89 -9.70
CA VAL A 10 31.25 -3.29 -10.00
C VAL A 10 29.75 -3.56 -9.83
N SER A 11 29.22 -4.43 -10.69
CA SER A 11 27.86 -4.91 -10.59
C SER A 11 27.85 -6.41 -10.27
N THR A 12 27.10 -6.81 -9.24
CA THR A 12 27.14 -8.18 -8.77
C THR A 12 25.75 -8.65 -8.30
N ALA A 13 25.51 -9.96 -8.36
CA ALA A 13 24.17 -10.50 -8.11
C ALA A 13 23.88 -10.65 -6.62
N VAL A 14 22.60 -10.51 -6.24
CA VAL A 14 22.19 -10.90 -4.89
C VAL A 14 22.66 -12.35 -4.66
N GLY A 15 23.32 -12.61 -3.53
CA GLY A 15 23.73 -13.97 -3.19
C GLY A 15 25.16 -14.29 -3.65
N SER A 16 25.76 -13.40 -4.42
CA SER A 16 27.16 -13.59 -4.79
C SER A 16 28.05 -13.09 -3.65
N ALA A 17 29.36 -13.24 -3.84
CA ALA A 17 30.34 -12.58 -3.01
C ALA A 17 31.07 -11.59 -3.91
N VAL A 18 31.62 -10.52 -3.32
CA VAL A 18 32.23 -9.44 -4.12
C VAL A 18 33.48 -8.91 -3.41
N THR A 19 34.55 -8.63 -4.16
CA THR A 19 35.83 -8.23 -3.55
C THR A 19 36.38 -6.90 -4.10
N ILE A 20 36.92 -6.07 -3.21
CA ILE A 20 37.47 -4.75 -3.55
C ILE A 20 38.93 -4.72 -3.10
N ASN A 21 39.80 -4.01 -3.82
CA ASN A 21 41.24 -4.01 -3.51
C ASN A 21 41.73 -2.60 -3.17
N CYS A 22 42.70 -2.50 -2.28
CA CYS A 22 43.37 -1.23 -2.03
C CYS A 22 44.88 -1.44 -1.92
N GLN A 23 45.62 -0.65 -2.68
CA GLN A 23 47.06 -0.77 -2.80
C GLN A 23 47.70 0.57 -2.41
N SER A 24 48.67 0.53 -1.50
CA SER A 24 49.23 1.75 -0.90
C SER A 24 50.64 2.01 -1.41
N SER A 25 50.96 3.28 -1.63
CA SER A 25 52.30 3.69 -2.09
C SER A 25 53.40 3.50 -1.03
N GLN A 26 52.99 3.29 0.23
CA GLN A 26 53.92 3.07 1.34
C GLN A 26 53.19 2.25 2.40
N ASN A 27 53.93 1.57 3.28
CA ASN A 27 53.29 0.77 4.34
C ASN A 27 52.45 1.67 5.22
N VAL A 28 51.26 1.20 5.59
CA VAL A 28 50.44 1.89 6.55
C VAL A 28 51.08 1.75 7.93
N TYR A 29 50.67 2.59 8.88
CA TYR A 29 51.28 2.59 10.21
C TYR A 29 51.13 1.23 10.90
N SER A 30 52.23 0.71 11.46
CA SER A 30 52.25 -0.62 12.07
C SER A 30 51.80 -1.72 11.12
N ASN A 31 51.92 -1.49 9.82
CA ASN A 31 51.47 -2.45 8.80
C ASN A 31 49.99 -2.81 8.80
N ASN A 32 49.21 -2.31 9.76
CA ASN A 32 47.77 -2.62 9.75
C ASN A 32 46.77 -1.48 10.04
N ASN A 33 47.21 -0.23 10.05
CA ASN A 33 46.28 0.87 10.32
C ASN A 33 45.53 1.17 9.05
N LEU A 34 44.48 0.38 8.80
CA LEU A 34 43.71 0.45 7.55
C LEU A 34 42.27 0.07 7.84
N ALA A 35 41.33 0.87 7.31
CA ALA A 35 39.92 0.68 7.62
C ALA A 35 39.03 0.70 6.36
N TRP A 36 37.85 0.09 6.44
CA TRP A 36 36.89 0.11 5.35
C TRP A 36 35.54 0.70 5.78
N PHE A 37 34.93 1.48 4.90
CA PHE A 37 33.67 2.18 5.17
C PHE A 37 32.63 1.91 4.10
N GLN A 38 31.37 2.04 4.50
CA GLN A 38 30.24 2.02 3.56
C GLN A 38 29.56 3.39 3.62
N GLN A 39 29.20 3.95 2.47
CA GLN A 39 28.45 5.21 2.44
C GLN A 39 27.29 5.15 1.45
N LYS A 40 26.08 5.42 1.95
CA LYS A 40 24.92 5.55 1.08
C LYS A 40 24.65 7.03 0.82
N PRO A 41 23.95 7.34 -0.29
CA PRO A 41 23.69 8.74 -0.67
C PRO A 41 23.01 9.56 0.42
N GLY A 42 23.53 10.76 0.67
CA GLY A 42 23.00 11.66 1.69
C GLY A 42 23.38 11.34 3.13
N GLN A 43 24.14 10.27 3.31
CA GLN A 43 24.52 9.80 4.64
C GLN A 43 26.03 9.92 4.90
N PRO A 44 26.43 9.97 6.18
CA PRO A 44 27.86 9.90 6.50
C PRO A 44 28.38 8.46 6.31
N PRO A 45 29.69 8.31 6.13
CA PRO A 45 30.34 7.00 6.09
C PRO A 45 30.10 6.22 7.38
N ARG A 46 30.10 4.90 7.29
CA ARG A 46 29.89 4.00 8.43
C ARG A 46 31.11 3.08 8.51
N LEU A 47 31.78 3.04 9.66
CA LEU A 47 32.94 2.19 9.83
C LEU A 47 32.53 0.71 9.84
N LEU A 48 33.16 -0.09 8.99
CA LEU A 48 32.87 -1.52 8.89
C LEU A 48 34.00 -2.38 9.50
N ILE A 49 35.24 -2.10 9.08
CA ILE A 49 36.42 -2.86 9.49
C ILE A 49 37.52 -1.88 9.89
N TYR A 50 38.27 -2.19 10.94
CA TYR A 50 39.48 -1.41 11.27
C TYR A 50 40.62 -2.35 11.62
N ASP A 51 41.83 -1.80 11.70
CA ASP A 51 43.03 -2.61 11.92
C ASP A 51 43.14 -3.74 10.88
N ALA A 52 42.78 -3.42 9.63
CA ALA A 52 42.84 -4.36 8.49
C ALA A 52 41.76 -5.45 8.46
N SER A 53 41.45 -6.02 9.63
CA SER A 53 40.59 -7.20 9.70
C SER A 53 39.62 -7.30 10.89
N LYS A 54 39.63 -6.32 11.79
CA LYS A 54 38.70 -6.35 12.93
C LYS A 54 37.34 -5.76 12.57
N LEU A 55 36.28 -6.47 12.97
CA LEU A 55 34.90 -6.09 12.68
C LEU A 55 34.44 -5.04 13.68
N ALA A 56 33.90 -3.92 13.20
CA ALA A 56 33.35 -2.92 14.10
C ALA A 56 32.13 -3.50 14.79
N SER A 57 31.88 -3.07 16.02
CA SER A 57 30.77 -3.60 16.80
C SER A 57 29.44 -3.39 16.07
N GLY A 58 28.65 -4.45 15.92
CA GLY A 58 27.34 -4.34 15.29
C GLY A 58 27.33 -4.50 13.78
N VAL A 59 28.49 -4.76 13.19
CA VAL A 59 28.59 -4.97 11.74
C VAL A 59 28.48 -6.48 11.45
N PRO A 60 27.65 -6.85 10.45
CA PRO A 60 27.45 -8.25 10.05
C PRO A 60 28.76 -8.96 9.67
N SER A 61 28.88 -10.24 10.02
CA SER A 61 30.13 -10.99 9.80
C SER A 61 30.32 -11.43 8.35
N ARG A 62 29.37 -11.12 7.48
CA ARG A 62 29.58 -11.39 6.07
C ARG A 62 30.49 -10.33 5.46
N PHE A 63 30.86 -9.32 6.27
CA PHE A 63 31.88 -8.35 5.87
C PHE A 63 33.22 -8.79 6.40
N LYS A 64 34.23 -8.82 5.53
CA LYS A 64 35.53 -9.33 5.94
C LYS A 64 36.66 -8.56 5.26
N GLY A 65 37.70 -8.21 6.04
CA GLY A 65 38.88 -7.56 5.48
C GLY A 65 40.13 -8.40 5.74
N SER A 66 41.12 -8.30 4.87
CA SER A 66 42.41 -8.91 5.14
C SER A 66 43.52 -8.16 4.42
N GLY A 67 44.77 -8.48 4.77
CA GLY A 67 45.92 -7.87 4.12
C GLY A 67 46.84 -7.23 5.13
N SER A 68 47.95 -6.67 4.66
CA SER A 68 48.96 -6.13 5.55
C SER A 68 49.98 -5.32 4.73
N GLY A 69 50.66 -4.38 5.36
CA GLY A 69 51.68 -3.64 4.65
C GLY A 69 51.10 -2.65 3.65
N THR A 70 51.15 -2.99 2.36
CA THR A 70 50.65 -2.13 1.32
C THR A 70 49.51 -2.72 0.49
N GLN A 71 49.10 -3.94 0.79
CA GLN A 71 48.09 -4.64 -0.01
C GLN A 71 46.94 -5.15 0.83
N PHE A 72 45.72 -4.70 0.53
CA PHE A 72 44.54 -5.01 1.34
C PHE A 72 43.33 -5.36 0.46
N THR A 73 42.49 -6.28 0.93
CA THR A 73 41.25 -6.60 0.21
C THR A 73 40.07 -6.59 1.16
N PHE A 74 38.87 -6.39 0.60
CA PHE A 74 37.64 -6.33 1.37
C PHE A 74 36.59 -7.16 0.63
N THR A 75 35.92 -8.07 1.33
CA THR A 75 35.00 -8.99 0.66
C THR A 75 33.66 -9.00 1.39
N ILE A 76 32.58 -8.83 0.61
CA ILE A 76 31.23 -9.01 1.13
C ILE A 76 30.72 -10.38 0.69
N SER A 77 30.37 -11.23 1.65
CA SER A 77 29.70 -12.51 1.37
C SER A 77 28.18 -12.37 1.35
N ASP A 78 27.54 -13.23 0.56
CA ASP A 78 26.08 -13.25 0.48
C ASP A 78 25.49 -11.84 0.30
N VAL A 79 25.86 -11.18 -0.79
CA VAL A 79 25.49 -9.80 -1.06
C VAL A 79 23.99 -9.60 -1.03
N GLN A 80 23.55 -8.52 -0.40
CA GLN A 80 22.12 -8.21 -0.30
C GLN A 80 21.82 -6.87 -0.95
N CYS A 81 20.56 -6.63 -1.30
CA CYS A 81 20.18 -5.33 -1.86
C CYS A 81 20.57 -4.18 -0.93
N ASP A 82 20.51 -4.42 0.38
CA ASP A 82 20.88 -3.40 1.38
C ASP A 82 22.34 -2.98 1.30
N ASP A 83 23.17 -3.77 0.61
CA ASP A 83 24.61 -3.49 0.54
C ASP A 83 24.96 -2.47 -0.55
N ALA A 84 24.05 -2.24 -1.48
CA ALA A 84 24.28 -1.33 -2.58
C ALA A 84 24.66 0.05 -2.07
N ALA A 85 25.92 0.44 -2.30
CA ALA A 85 26.48 1.67 -1.76
C ALA A 85 27.84 1.94 -2.39
N THR A 86 28.49 3.00 -1.95
CA THR A 86 29.90 3.22 -2.25
C THR A 86 30.75 2.89 -1.04
N PHE A 87 31.82 2.14 -1.25
CA PHE A 87 32.72 1.71 -0.18
C PHE A 87 34.10 2.37 -0.34
N TYR A 88 34.73 2.70 0.78
CA TYR A 88 36.03 3.37 0.78
C TYR A 88 37.01 2.69 1.73
N CYS A 89 38.28 2.63 1.32
CA CYS A 89 39.35 2.28 2.25
C CYS A 89 40.03 3.55 2.78
N LEU A 90 40.52 3.51 4.02
CA LEU A 90 41.27 4.64 4.59
C LEU A 90 42.55 4.16 5.25
N GLY A 91 43.68 4.73 4.85
CA GLY A 91 44.96 4.40 5.45
C GLY A 91 45.44 5.43 6.47
N GLY A 92 45.98 4.95 7.57
CA GLY A 92 46.69 5.78 8.55
C GLY A 92 48.18 5.54 8.40
N TYR A 93 48.98 6.61 8.40
CA TYR A 93 50.40 6.53 8.05
C TYR A 93 51.32 7.11 9.13
N ASP A 94 52.62 6.89 8.99
CA ASP A 94 53.58 7.49 9.93
C ASP A 94 53.64 9.01 9.71
N CYS A 95 53.14 9.78 10.68
CA CYS A 95 53.11 11.25 10.55
C CYS A 95 54.48 11.91 10.33
N SER A 96 55.56 11.24 10.73
CA SER A 96 56.90 11.83 10.66
C SER A 96 57.54 11.70 9.27
N SER A 97 56.93 10.93 8.36
CA SER A 97 57.51 10.74 7.04
C SER A 97 56.59 11.15 5.90
N GLY A 98 55.44 11.75 6.23
CA GLY A 98 54.49 12.20 5.23
C GLY A 98 53.19 12.60 5.90
N ASP A 99 52.09 12.61 5.15
CA ASP A 99 50.77 12.92 5.69
C ASP A 99 50.28 11.79 6.58
N CYS A 100 49.43 12.11 7.57
CA CYS A 100 48.96 11.13 8.55
C CYS A 100 47.92 10.14 8.00
N ALA A 101 47.29 10.49 6.88
CA ALA A 101 46.17 9.68 6.37
C ALA A 101 45.88 9.90 4.88
N ALA A 102 45.21 8.93 4.25
CA ALA A 102 44.76 9.07 2.87
C ALA A 102 43.60 8.12 2.60
N PHE A 103 42.56 8.61 1.92
CA PHE A 103 41.43 7.79 1.49
C PHE A 103 41.67 7.22 0.10
N GLY A 104 41.17 6.01 -0.17
CA GLY A 104 41.11 5.54 -1.55
C GLY A 104 39.96 6.22 -2.27
N GLY A 105 39.86 6.06 -3.58
CA GLY A 105 38.91 6.84 -4.36
C GLY A 105 37.48 6.32 -4.40
N GLY A 106 37.27 5.13 -3.82
CA GLY A 106 35.92 4.58 -3.71
C GLY A 106 35.55 3.52 -4.73
N THR A 107 34.64 2.62 -4.35
CA THR A 107 34.07 1.65 -5.27
C THR A 107 32.56 1.67 -5.18
N GLU A 108 31.90 1.97 -6.29
CA GLU A 108 30.43 1.92 -6.33
C GLU A 108 29.98 0.47 -6.58
N VAL A 109 29.19 -0.08 -5.66
CA VAL A 109 28.68 -1.45 -5.81
C VAL A 109 27.19 -1.43 -6.18
N VAL A 110 26.88 -1.93 -7.37
CA VAL A 110 25.49 -2.08 -7.83
C VAL A 110 25.09 -3.55 -7.66
N VAL A 111 23.89 -3.78 -7.11
CA VAL A 111 23.46 -5.14 -6.77
C VAL A 111 22.29 -5.56 -7.65
N ARG A 112 22.43 -6.69 -8.35
CA ARG A 112 21.36 -7.17 -9.23
C ARG A 112 20.35 -8.09 -8.53
N GLY A 113 19.11 -7.62 -8.39
CA GLY A 113 18.05 -8.44 -7.82
C GLY A 113 17.06 -8.94 -8.88
N ASP A 114 15.88 -9.38 -8.45
CA ASP A 114 14.87 -9.90 -9.37
C ASP A 114 14.31 -8.79 -10.24
N PRO A 115 14.06 -9.10 -11.53
CA PRO A 115 13.51 -8.08 -12.45
C PRO A 115 12.09 -7.66 -12.10
N VAL A 116 11.80 -6.37 -12.25
CA VAL A 116 10.48 -5.82 -12.02
C VAL A 116 10.19 -4.80 -13.12
N ALA A 117 9.05 -4.95 -13.81
CA ALA A 117 8.67 -3.96 -14.83
C ALA A 117 8.15 -2.70 -14.16
N PRO A 118 8.43 -1.53 -14.75
CA PRO A 118 7.98 -0.26 -14.15
C PRO A 118 6.49 0.04 -14.43
N THR A 119 5.84 0.81 -13.56
CA THR A 119 4.61 1.51 -13.96
C THR A 119 5.00 2.96 -14.24
N VAL A 120 4.22 3.67 -15.05
CA VAL A 120 4.64 4.99 -15.52
C VAL A 120 3.54 6.05 -15.32
N LEU A 121 3.96 7.26 -14.97
CA LEU A 121 3.02 8.37 -14.77
C LEU A 121 3.51 9.58 -15.58
N ILE A 122 2.58 10.31 -16.18
CA ILE A 122 2.95 11.56 -16.85
C ILE A 122 2.14 12.72 -16.24
N PHE A 123 2.81 13.85 -16.00
CA PHE A 123 2.17 15.01 -15.39
C PHE A 123 2.25 16.21 -16.30
N PRO A 124 1.09 16.69 -16.78
CA PRO A 124 1.05 17.90 -17.61
C PRO A 124 1.43 19.14 -16.79
N PRO A 125 1.88 20.21 -17.46
CA PRO A 125 2.36 21.40 -16.75
C PRO A 125 1.21 22.06 -16.02
N ALA A 126 1.42 22.47 -14.77
CA ALA A 126 0.41 23.25 -14.06
C ALA A 126 0.13 24.55 -14.82
N ALA A 127 -1.11 25.02 -14.75
CA ALA A 127 -1.54 26.22 -15.49
C ALA A 127 -0.64 27.43 -15.27
N ASP A 128 -0.15 27.58 -14.04
CA ASP A 128 0.77 28.67 -13.69
C ASP A 128 2.05 28.70 -14.50
N GLN A 129 2.42 27.57 -15.10
CA GLN A 129 3.72 27.46 -15.75
C GLN A 129 3.83 28.25 -17.06
N VAL A 130 2.81 28.12 -17.92
CA VAL A 130 2.85 28.73 -19.24
C VAL A 130 3.07 30.24 -19.18
N ALA A 131 2.58 30.85 -18.10
CA ALA A 131 2.74 32.29 -17.91
C ALA A 131 4.22 32.71 -17.80
N THR A 132 5.06 31.80 -17.32
CA THR A 132 6.46 32.13 -17.07
C THR A 132 7.28 32.14 -18.35
N GLY A 133 6.70 31.58 -19.42
CA GLY A 133 7.40 31.53 -20.69
C GLY A 133 8.04 30.18 -20.99
N THR A 134 8.26 29.39 -19.94
CA THR A 134 8.76 28.03 -20.12
C THR A 134 7.89 27.00 -19.40
N VAL A 135 7.85 25.79 -19.95
CA VAL A 135 6.96 24.75 -19.49
C VAL A 135 7.74 23.45 -19.29
N THR A 136 7.53 22.79 -18.16
CA THR A 136 8.25 21.53 -17.84
C THR A 136 7.25 20.40 -17.65
N ILE A 137 7.34 19.37 -18.48
CA ILE A 137 6.48 18.19 -18.36
C ILE A 137 7.25 17.10 -17.64
N VAL A 138 6.61 16.39 -16.70
CA VAL A 138 7.30 15.42 -15.86
C VAL A 138 6.79 13.99 -16.07
N CYS A 139 7.71 13.06 -16.30
CA CYS A 139 7.36 11.65 -16.41
C CYS A 139 8.07 10.86 -15.32
N VAL A 140 7.36 9.94 -14.67
CA VAL A 140 7.96 9.12 -13.63
C VAL A 140 7.83 7.62 -13.92
N ALA A 141 8.93 6.90 -13.75
CA ALA A 141 8.91 5.44 -13.85
C ALA A 141 9.13 4.86 -12.45
N ASN A 142 8.16 4.11 -11.95
CA ASN A 142 8.15 3.60 -10.57
C ASN A 142 8.72 2.19 -10.41
N LYS A 143 9.56 2.00 -9.41
CA LYS A 143 9.87 0.67 -8.87
C LYS A 143 10.23 -0.38 -9.93
N TYR A 144 11.42 -0.24 -10.53
CA TYR A 144 11.79 -1.15 -11.63
C TYR A 144 13.23 -1.65 -11.48
N PHE A 145 13.52 -2.74 -12.18
CA PHE A 145 14.89 -3.23 -12.33
C PHE A 145 14.82 -4.26 -13.45
N PRO A 146 15.83 -4.28 -14.34
CA PRO A 146 17.04 -3.44 -14.43
C PRO A 146 16.74 -2.10 -15.08
N ASP A 147 17.79 -1.36 -15.44
CA ASP A 147 17.66 -0.01 -15.99
C ASP A 147 16.73 0.08 -17.21
N VAL A 148 16.14 1.26 -17.41
CA VAL A 148 15.25 1.53 -18.54
C VAL A 148 15.84 2.65 -19.39
N THR A 149 15.25 2.84 -20.58
CA THR A 149 15.55 4.03 -21.37
C THR A 149 14.24 4.80 -21.55
N VAL A 150 14.33 6.12 -21.67
CA VAL A 150 13.14 6.95 -21.83
C VAL A 150 13.16 7.66 -23.17
N THR A 151 12.03 7.66 -23.87
CA THR A 151 11.88 8.39 -25.13
C THR A 151 10.70 9.36 -25.04
N TRP A 152 10.93 10.62 -25.39
CA TRP A 152 9.87 11.60 -25.45
C TRP A 152 9.46 11.80 -26.91
N GLU A 153 8.15 11.91 -27.14
CA GLU A 153 7.62 12.21 -28.46
C GLU A 153 6.58 13.34 -28.39
N VAL A 154 6.69 14.29 -29.32
CA VAL A 154 5.70 15.36 -29.42
C VAL A 154 5.05 15.30 -30.80
N ASP A 155 3.76 15.04 -30.83
CA ASP A 155 3.02 14.80 -32.06
C ASP A 155 3.72 13.79 -32.97
N GLY A 156 4.27 12.73 -32.38
CA GLY A 156 4.89 11.66 -33.15
C GLY A 156 6.38 11.82 -33.36
N THR A 157 6.89 13.03 -33.15
CA THR A 157 8.29 13.33 -33.39
C THR A 157 9.16 13.15 -32.14
N THR A 158 10.16 12.27 -32.24
CA THR A 158 11.08 12.03 -31.13
C THR A 158 11.88 13.29 -30.76
N GLN A 159 11.86 13.66 -29.48
CA GLN A 159 12.61 14.81 -28.99
C GLN A 159 14.05 14.44 -28.75
N THR A 160 14.95 15.39 -29.00
CA THR A 160 16.38 15.12 -28.89
C THR A 160 17.08 16.15 -28.02
N THR A 161 16.30 17.09 -27.48
CA THR A 161 16.85 18.14 -26.63
C THR A 161 15.85 18.58 -25.55
N GLY A 162 16.34 19.25 -24.51
CA GLY A 162 15.50 19.70 -23.42
C GLY A 162 15.12 18.63 -22.40
N ILE A 163 15.85 17.52 -22.38
CA ILE A 163 15.50 16.41 -21.50
C ILE A 163 16.52 16.22 -20.38
N GLU A 164 16.04 16.06 -19.15
CA GLU A 164 16.87 15.71 -18.00
C GLU A 164 16.31 14.50 -17.25
N ASN A 165 17.21 13.61 -16.81
CA ASN A 165 16.82 12.43 -16.06
C ASN A 165 17.48 12.40 -14.69
N SER A 166 16.72 11.93 -13.69
CA SER A 166 17.22 11.78 -12.34
C SER A 166 16.74 10.45 -11.74
N LYS A 167 17.67 9.62 -11.27
CA LYS A 167 17.38 8.28 -10.75
C LYS A 167 17.67 8.15 -9.24
N THR A 168 16.77 7.54 -8.48
CA THR A 168 16.96 7.35 -7.03
C THR A 168 18.01 6.28 -6.75
N PRO A 169 18.50 6.19 -5.49
CA PRO A 169 19.34 5.03 -5.12
C PRO A 169 18.51 3.74 -5.12
N GLN A 170 19.17 2.59 -5.19
CA GLN A 170 18.48 1.30 -5.15
C GLN A 170 17.71 1.10 -3.85
N ASN A 171 16.50 0.54 -3.96
CA ASN A 171 15.71 0.19 -2.78
C ASN A 171 16.41 -0.87 -1.95
N SER A 172 16.50 -0.65 -0.64
CA SER A 172 17.24 -1.56 0.22
C SER A 172 16.56 -2.91 0.37
N ALA A 173 15.28 -3.00 0.02
CA ALA A 173 14.56 -4.27 0.11
C ALA A 173 14.58 -5.12 -1.16
N ASP A 174 14.43 -4.50 -2.33
CA ASP A 174 14.27 -5.27 -3.57
C ASP A 174 15.15 -4.80 -4.75
N CYS A 175 16.10 -3.92 -4.46
CA CYS A 175 17.05 -3.43 -5.48
C CYS A 175 16.45 -2.48 -6.54
N THR A 176 15.14 -2.17 -6.49
CA THR A 176 14.52 -1.37 -7.56
C THR A 176 14.94 0.10 -7.54
N TYR A 177 14.86 0.72 -8.72
CA TYR A 177 15.08 2.15 -8.93
C TYR A 177 13.75 2.85 -9.11
N ASN A 178 13.77 4.19 -8.98
CA ASN A 178 12.72 5.04 -9.52
C ASN A 178 13.39 6.13 -10.36
N LEU A 179 12.68 6.64 -11.37
CA LEU A 179 13.26 7.62 -12.29
C LEU A 179 12.29 8.76 -12.58
N SER A 180 12.81 9.98 -12.59
CA SER A 180 12.03 11.11 -13.08
C SER A 180 12.69 11.63 -14.36
N SER A 181 11.89 11.81 -15.40
CA SER A 181 12.38 12.41 -16.64
C SER A 181 11.56 13.67 -16.94
N THR A 182 12.22 14.78 -17.24
CA THR A 182 11.52 16.03 -17.54
C THR A 182 11.83 16.52 -18.95
N LEU A 183 10.79 16.99 -19.63
CA LEU A 183 10.93 17.66 -20.92
C LEU A 183 10.59 19.13 -20.78
N THR A 184 11.53 20.00 -21.17
CA THR A 184 11.34 21.43 -21.04
C THR A 184 11.25 22.13 -22.40
N LEU A 185 10.23 22.98 -22.57
CA LEU A 185 9.99 23.71 -23.82
C LEU A 185 9.58 25.14 -23.51
N THR A 186 9.64 26.01 -24.51
CA THR A 186 9.10 27.35 -24.38
C THR A 186 7.58 27.24 -24.43
N SER A 187 6.88 28.24 -23.91
CA SER A 187 5.43 28.25 -23.95
C SER A 187 4.95 28.27 -25.40
N THR A 188 5.67 29.02 -26.23
CA THR A 188 5.36 29.09 -27.65
C THR A 188 5.39 27.70 -28.28
N GLN A 189 6.47 26.97 -28.03
CA GLN A 189 6.59 25.60 -28.52
C GLN A 189 5.47 24.70 -27.99
N TYR A 190 5.23 24.77 -26.69
CA TYR A 190 4.23 23.91 -26.05
C TYR A 190 2.86 24.17 -26.65
N ASN A 191 2.53 25.45 -26.82
CA ASN A 191 1.22 25.82 -27.34
C ASN A 191 1.00 25.44 -28.81
N SER A 192 2.08 25.12 -29.51
CA SER A 192 1.96 24.77 -30.93
C SER A 192 1.89 23.27 -31.19
N HIS A 193 1.72 22.47 -30.13
CA HIS A 193 1.57 21.03 -30.32
C HIS A 193 0.46 20.41 -29.48
N LYS A 194 0.10 19.18 -29.83
CA LYS A 194 -1.06 18.53 -29.22
C LYS A 194 -0.72 17.36 -28.29
N GLU A 195 -0.05 16.35 -28.83
CA GLU A 195 0.13 15.09 -28.09
C GLU A 195 1.50 15.02 -27.45
N TYR A 196 1.53 14.69 -26.16
CA TYR A 196 2.80 14.61 -25.45
C TYR A 196 2.97 13.22 -24.86
N THR A 197 4.01 12.52 -25.28
CA THR A 197 4.14 11.11 -24.97
C THR A 197 5.48 10.76 -24.27
N CYS A 198 5.38 9.99 -23.19
CA CYS A 198 6.55 9.49 -22.50
C CYS A 198 6.59 7.97 -22.66
N LYS A 199 7.67 7.47 -23.25
CA LYS A 199 7.81 6.03 -23.46
C LYS A 199 9.01 5.48 -22.69
N VAL A 200 8.74 4.51 -21.82
CA VAL A 200 9.77 3.94 -20.95
C VAL A 200 9.96 2.51 -21.37
N THR A 201 11.19 2.17 -21.75
CA THR A 201 11.49 0.88 -22.37
C THR A 201 12.44 0.05 -21.52
N GLN A 202 12.06 -1.19 -21.27
CA GLN A 202 12.88 -2.15 -20.54
C GLN A 202 13.00 -3.41 -21.39
N GLY A 203 14.17 -3.60 -22.00
CA GLY A 203 14.36 -4.71 -22.91
C GLY A 203 13.61 -4.40 -24.19
N THR A 204 12.66 -5.25 -24.57
CA THR A 204 11.85 -5.00 -25.75
C THR A 204 10.41 -4.64 -25.40
N THR A 205 10.14 -4.40 -24.13
CA THR A 205 8.80 -4.05 -23.67
C THR A 205 8.72 -2.62 -23.16
N SER A 206 7.80 -1.86 -23.73
CA SER A 206 7.64 -0.47 -23.34
C SER A 206 6.32 -0.24 -22.63
N VAL A 207 6.30 0.76 -21.76
CA VAL A 207 5.07 1.29 -21.19
C VAL A 207 4.98 2.73 -21.68
N VAL A 208 3.81 3.12 -22.18
CA VAL A 208 3.66 4.42 -22.82
C VAL A 208 2.56 5.22 -22.14
N GLN A 209 2.85 6.46 -21.77
CA GLN A 209 1.83 7.35 -21.22
C GLN A 209 1.78 8.65 -22.01
N SER A 210 0.57 9.13 -22.29
CA SER A 210 0.38 10.34 -23.08
C SER A 210 -0.77 11.19 -22.56
N PHE A 211 -0.75 12.48 -22.90
CA PHE A 211 -1.91 13.36 -22.74
C PHE A 211 -1.98 14.33 -23.92
N ASN A 212 -3.16 14.90 -24.13
CA ASN A 212 -3.31 16.00 -25.09
C ASN A 212 -3.37 17.33 -24.36
N ARG A 213 -2.63 18.31 -24.87
CA ARG A 213 -2.53 19.61 -24.21
C ARG A 213 -3.88 20.23 -23.87
N GLY A 214 -4.80 20.18 -24.82
CA GLY A 214 -6.10 20.80 -24.63
C GLY A 214 -7.09 19.97 -23.82
N ASP A 215 -6.65 18.85 -23.28
CA ASP A 215 -7.51 17.97 -22.50
C ASP A 215 -7.35 18.17 -20.99
N CYS A 216 -6.35 18.92 -20.57
CA CYS A 216 -6.04 19.03 -19.14
C CYS A 216 -6.52 20.34 -18.51
N GLN B 1 25.27 9.29 22.35
CA GLN B 1 26.45 10.03 21.93
C GLN B 1 26.38 10.30 20.44
N SER B 2 26.54 11.57 20.06
CA SER B 2 26.39 11.96 18.66
C SER B 2 27.12 13.27 18.34
N LEU B 3 27.27 13.55 17.05
CA LEU B 3 27.95 14.75 16.60
C LEU B 3 27.05 15.51 15.66
N GLU B 4 27.17 16.83 15.68
CA GLU B 4 26.48 17.64 14.68
C GLU B 4 27.36 18.79 14.23
N GLU B 5 27.52 18.93 12.92
CA GLU B 5 28.27 20.05 12.32
C GLU B 5 27.32 21.18 11.96
N SER B 6 27.80 22.43 12.05
CA SER B 6 26.99 23.58 11.64
C SER B 6 27.88 24.67 11.09
N GLY B 7 27.27 25.66 10.43
CA GLY B 7 28.00 26.78 9.88
C GLY B 7 28.16 26.76 8.37
N GLY B 8 27.73 25.68 7.73
CA GLY B 8 27.74 25.63 6.28
C GLY B 8 26.97 26.81 5.68
N ASP B 9 27.44 27.33 4.57
CA ASP B 9 26.81 28.51 3.98
C ASP B 9 27.31 28.74 2.56
N LEU B 10 26.64 29.63 1.84
CA LEU B 10 27.11 30.09 0.54
C LEU B 10 28.05 31.28 0.77
N VAL B 11 29.25 31.23 0.22
CA VAL B 11 30.20 32.33 0.41
C VAL B 11 30.90 32.70 -0.89
N GLN B 12 31.42 33.91 -0.96
CA GLN B 12 32.10 34.37 -2.17
C GLN B 12 33.54 33.85 -2.19
N PRO B 13 34.11 33.68 -3.40
CA PRO B 13 35.51 33.29 -3.52
C PRO B 13 36.38 34.28 -2.74
N GLY B 14 37.41 33.81 -2.06
CA GLY B 14 38.27 34.65 -1.25
C GLY B 14 37.84 34.74 0.21
N ALA B 15 36.62 34.31 0.50
CA ALA B 15 36.09 34.43 1.87
C ALA B 15 36.75 33.51 2.91
N SER B 16 36.46 33.79 4.17
CA SER B 16 36.77 32.92 5.29
C SER B 16 35.48 32.39 5.92
N LEU B 17 35.57 31.25 6.59
CA LEU B 17 34.39 30.62 7.18
C LEU B 17 34.80 29.65 8.27
N THR B 18 34.04 29.63 9.38
CA THR B 18 34.32 28.73 10.49
C THR B 18 33.17 27.73 10.71
N LEU B 19 33.48 26.45 10.67
CA LEU B 19 32.48 25.41 10.95
C LEU B 19 32.64 24.92 12.39
N THR B 20 31.55 24.44 12.98
CA THR B 20 31.59 23.93 14.35
C THR B 20 31.08 22.50 14.42
N CYS B 21 31.80 21.66 15.17
CA CYS B 21 31.39 20.28 15.45
C CYS B 21 30.96 20.19 16.93
N LYS B 22 29.67 19.96 17.16
CA LYS B 22 29.13 19.90 18.53
C LYS B 22 28.90 18.48 19.05
N ALA B 23 29.46 18.17 20.21
CA ALA B 23 29.31 16.85 20.81
C ALA B 23 28.10 16.81 21.74
N SER B 24 27.36 15.70 21.70
CA SER B 24 26.24 15.48 22.62
C SER B 24 26.38 14.12 23.28
N GLY B 25 26.11 14.06 24.58
CA GLY B 25 26.17 12.81 25.30
C GLY B 25 27.57 12.37 25.69
N PHE B 26 28.56 13.22 25.44
CA PHE B 26 29.94 13.02 25.93
C PHE B 26 30.68 14.36 25.83
N SER B 27 31.94 14.38 26.27
CA SER B 27 32.72 15.63 26.24
C SER B 27 34.18 15.41 25.83
N PHE B 28 34.85 16.48 25.38
CA PHE B 28 36.21 16.41 24.83
C PHE B 28 37.29 16.41 25.90
N GLY B 29 36.87 16.27 27.15
CA GLY B 29 37.81 16.11 28.25
C GLY B 29 38.44 14.72 28.24
N ASN B 30 37.82 13.78 27.52
CA ASN B 30 38.43 12.46 27.32
C ASN B 30 39.29 12.42 26.06
N ASN B 31 40.00 11.32 25.83
CA ASN B 31 40.95 11.24 24.72
C ASN B 31 40.37 10.71 23.40
N TYR B 32 40.28 11.57 22.39
CA TYR B 32 39.74 11.17 21.09
C TYR B 32 40.56 11.85 19.99
N ASP B 33 40.52 11.28 18.78
CA ASP B 33 41.05 11.97 17.61
C ASP B 33 39.85 12.58 16.86
N MET B 34 39.67 13.89 16.96
CA MET B 34 38.54 14.56 16.32
C MET B 34 39.00 15.11 14.97
N CYS B 35 38.41 14.60 13.89
CA CYS B 35 38.93 14.91 12.57
C CYS B 35 37.86 15.47 11.64
N TRP B 36 38.29 16.24 10.64
CA TRP B 36 37.39 16.75 9.63
C TRP B 36 37.69 16.09 8.28
N VAL B 37 36.63 15.71 7.57
CA VAL B 37 36.70 15.06 6.27
C VAL B 37 35.71 15.76 5.35
N ARG B 38 36.08 16.00 4.09
CA ARG B 38 35.10 16.62 3.17
C ARG B 38 34.84 15.80 1.90
N GLN B 39 33.78 16.14 1.19
CA GLN B 39 33.34 15.39 0.01
C GLN B 39 32.68 16.34 -0.99
N ALA B 40 33.34 16.61 -2.11
CA ALA B 40 32.73 17.44 -3.16
C ALA B 40 31.54 16.69 -3.79
N PRO B 41 30.55 17.43 -4.31
CA PRO B 41 29.37 16.79 -4.90
C PRO B 41 29.75 15.74 -5.94
N GLY B 42 29.34 14.49 -5.70
CA GLY B 42 29.60 13.39 -6.62
C GLY B 42 31.01 12.84 -6.59
N LYS B 43 31.81 13.26 -5.60
CA LYS B 43 33.21 12.83 -5.54
C LYS B 43 33.51 12.02 -4.27
N GLY B 44 34.80 11.73 -4.04
CA GLY B 44 35.20 10.86 -2.96
C GLY B 44 35.48 11.60 -1.66
N LEU B 45 35.78 10.84 -0.61
CA LEU B 45 36.09 11.40 0.70
C LEU B 45 37.52 11.90 0.70
N GLU B 46 37.77 13.03 1.37
CA GLU B 46 39.11 13.64 1.45
C GLU B 46 39.43 14.10 2.89
N TRP B 47 40.54 13.63 3.45
CA TRP B 47 40.91 13.97 4.82
C TRP B 47 41.41 15.40 4.87
N ILE B 48 40.98 16.17 5.87
CA ILE B 48 41.44 17.53 6.06
C ILE B 48 42.49 17.66 7.17
N GLY B 49 42.16 17.17 8.37
CA GLY B 49 43.08 17.24 9.49
C GLY B 49 42.44 16.69 10.76
N CYS B 50 43.20 16.68 11.86
CA CYS B 50 42.72 16.18 13.16
C CYS B 50 43.24 17.02 14.33
N ILE B 51 42.50 16.98 15.44
CA ILE B 51 43.01 17.44 16.73
C ILE B 51 42.76 16.34 17.79
N GLU B 52 43.80 15.97 18.53
CA GLU B 52 43.67 15.05 19.67
C GLU B 52 43.14 15.82 20.85
N THR B 53 42.18 15.24 21.57
CA THR B 53 41.63 15.94 22.72
C THR B 53 42.23 15.43 24.03
N GLY B 54 43.17 14.49 23.92
CA GLY B 54 43.97 14.05 25.06
C GLY B 54 45.35 14.70 25.12
N SER B 55 46.21 14.16 25.99
CA SER B 55 47.55 14.68 26.15
C SER B 55 48.27 14.66 24.81
N SER B 56 49.30 15.49 24.69
CA SER B 56 49.93 15.89 23.41
C SER B 56 49.12 16.97 22.67
N ASP B 57 47.78 16.90 22.73
CA ASP B 57 46.89 17.86 22.05
C ASP B 57 47.41 18.24 20.66
N SER B 58 47.75 17.23 19.89
CA SER B 58 48.37 17.43 18.61
C SER B 58 47.36 17.74 17.52
N ALA B 59 47.61 18.83 16.79
CA ALA B 59 46.91 19.14 15.53
C ALA B 59 47.79 18.70 14.35
N ALA B 60 47.18 18.07 13.35
CA ALA B 60 47.90 17.64 12.14
C ALA B 60 47.00 17.84 10.93
N TYR B 61 47.60 18.11 9.76
CA TYR B 61 46.84 18.46 8.56
C TYR B 61 47.31 17.72 7.32
N ALA B 62 46.41 17.58 6.34
CA ALA B 62 46.83 17.16 5.01
C ALA B 62 47.75 18.26 4.44
N THR B 63 48.72 17.86 3.63
CA THR B 63 49.64 18.85 3.06
C THR B 63 48.89 19.99 2.36
N TRP B 64 47.83 19.66 1.60
CA TRP B 64 47.10 20.70 0.87
C TRP B 64 46.44 21.73 1.79
N ALA B 65 46.02 21.30 2.98
CA ALA B 65 45.33 22.18 3.95
C ALA B 65 46.25 22.96 4.88
N LYS B 66 47.46 22.45 5.09
CA LYS B 66 48.36 22.95 6.13
C LYS B 66 48.65 24.42 5.92
N GLY B 67 48.45 25.22 6.95
CA GLY B 67 48.67 26.67 6.86
C GLY B 67 47.47 27.48 6.37
N ARG B 68 46.52 26.85 5.69
CA ARG B 68 45.33 27.58 5.22
C ARG B 68 44.11 27.35 6.11
N PHE B 69 44.00 26.15 6.69
CA PHE B 69 42.91 25.80 7.60
C PHE B 69 43.46 25.58 9.00
N THR B 70 42.64 25.82 10.03
CA THR B 70 42.98 25.40 11.39
C THR B 70 41.88 24.55 12.02
N ILE B 71 42.27 23.64 12.90
CA ILE B 71 41.32 22.87 13.69
C ILE B 71 41.64 23.10 15.16
N SER B 72 40.64 23.46 15.96
CA SER B 72 40.93 23.65 17.38
C SER B 72 39.77 23.27 18.30
N LYS B 73 40.10 22.88 19.54
CA LYS B 73 39.09 22.52 20.53
C LYS B 73 38.68 23.76 21.30
N THR B 74 37.42 24.18 21.15
CA THR B 74 36.99 25.45 21.71
C THR B 74 36.16 25.40 23.01
N SER B 75 35.77 24.20 23.43
CA SER B 75 35.10 23.98 24.70
C SER B 75 35.07 22.47 24.89
N SER B 76 34.53 21.99 26.00
CA SER B 76 34.51 20.55 26.25
C SER B 76 33.57 19.81 25.29
N THR B 77 32.73 20.55 24.56
CA THR B 77 31.83 19.93 23.57
C THR B 77 31.87 20.55 22.16
N THR B 78 32.84 21.41 21.86
CA THR B 78 32.92 21.99 20.52
C THR B 78 34.34 21.94 19.93
N VAL B 79 34.44 21.51 18.67
CA VAL B 79 35.67 21.63 17.87
C VAL B 79 35.35 22.43 16.60
N THR B 80 36.26 23.32 16.18
CA THR B 80 36.00 24.14 14.99
C THR B 80 36.95 23.81 13.85
N LEU B 81 36.51 24.13 12.63
CA LEU B 81 37.38 24.15 11.44
C LEU B 81 37.33 25.57 10.86
N GLN B 82 38.45 26.28 10.93
CA GLN B 82 38.49 27.62 10.33
C GLN B 82 39.12 27.56 8.94
N MET B 83 38.42 28.08 7.93
CA MET B 83 38.91 28.03 6.56
C MET B 83 39.14 29.45 6.01
N THR B 84 40.21 29.63 5.25
CA THR B 84 40.51 30.94 4.66
C THR B 84 40.78 30.81 3.15
N SER B 85 40.69 31.94 2.45
CA SER B 85 40.96 31.98 1.01
C SER B 85 40.19 30.94 0.20
N LEU B 86 38.90 30.82 0.46
CA LEU B 86 38.10 29.77 -0.17
C LEU B 86 37.99 29.95 -1.69
N THR B 87 38.05 28.84 -2.42
CA THR B 87 37.72 28.83 -3.84
C THR B 87 36.70 27.74 -4.18
N ALA B 88 36.33 27.65 -5.47
CA ALA B 88 35.36 26.66 -5.91
C ALA B 88 35.85 25.24 -5.62
N ALA B 89 37.16 25.06 -5.59
CA ALA B 89 37.75 23.77 -5.25
C ALA B 89 37.39 23.31 -3.82
N ASP B 90 36.92 24.25 -2.98
CA ASP B 90 36.55 23.94 -1.60
C ASP B 90 35.06 23.66 -1.38
N THR B 91 34.28 23.75 -2.46
CA THR B 91 32.85 23.46 -2.38
C THR B 91 32.66 21.99 -2.02
N ALA B 92 31.91 21.70 -0.95
CA ALA B 92 31.74 20.32 -0.47
C ALA B 92 30.82 20.22 0.74
N THR B 93 30.44 18.99 1.08
CA THR B 93 29.91 18.68 2.42
C THR B 93 31.10 18.39 3.35
N TYR B 94 31.08 18.99 4.54
CA TYR B 94 32.14 18.84 5.55
C TYR B 94 31.63 18.03 6.74
N PHE B 95 32.29 16.91 7.03
CA PHE B 95 31.91 16.04 8.15
C PHE B 95 32.93 16.17 9.28
N CYS B 96 32.51 16.01 10.53
CA CYS B 96 33.49 15.78 11.59
C CYS B 96 33.27 14.38 12.13
N ALA B 97 34.31 13.78 12.69
CA ALA B 97 34.21 12.41 13.19
C ALA B 97 35.06 12.21 14.43
N ARG B 98 34.62 11.29 15.30
CA ARG B 98 35.39 10.89 16.47
C ARG B 98 36.06 9.53 16.21
N ASN B 99 37.39 9.49 16.15
CA ASN B 99 38.13 8.26 15.83
C ASN B 99 37.60 7.59 14.54
N PHE B 100 37.08 8.40 13.60
CA PHE B 100 36.52 7.88 12.34
C PHE B 100 35.42 6.84 12.55
N ASP B 101 34.78 6.89 13.71
CA ASP B 101 33.83 5.87 14.15
C ASP B 101 32.43 6.50 14.34
N LEU B 102 32.36 7.55 15.14
CA LEU B 102 31.14 8.35 15.27
C LEU B 102 31.21 9.50 14.26
N TRP B 103 30.18 9.67 13.42
CA TRP B 103 30.15 10.75 12.41
C TRP B 103 28.91 11.67 12.54
N GLY B 104 29.10 12.95 12.21
CA GLY B 104 27.98 13.86 12.05
C GLY B 104 27.30 13.71 10.69
N PRO B 105 26.11 14.30 10.53
CA PRO B 105 25.42 14.21 9.25
C PRO B 105 26.03 15.09 8.16
N GLY B 106 26.92 16.01 8.54
CA GLY B 106 27.59 16.85 7.55
C GLY B 106 26.97 18.24 7.40
N THR B 107 27.76 19.21 6.97
CA THR B 107 27.25 20.56 6.71
C THR B 107 27.82 21.05 5.37
N LEU B 108 26.98 21.68 4.56
CA LEU B 108 27.32 21.99 3.18
C LEU B 108 27.96 23.38 3.00
N VAL B 109 29.08 23.43 2.30
CA VAL B 109 29.71 24.71 1.98
C VAL B 109 29.74 24.90 0.46
N ILE B 110 29.24 26.05 -0.02
CA ILE B 110 29.24 26.35 -1.44
C ILE B 110 30.02 27.64 -1.68
N VAL B 111 31.08 27.58 -2.47
CA VAL B 111 31.86 28.78 -2.76
C VAL B 111 31.61 29.21 -4.18
N SER B 112 30.93 30.35 -4.35
CA SER B 112 30.47 30.80 -5.66
C SER B 112 30.07 32.27 -5.64
N SER B 113 30.22 32.94 -6.77
CA SER B 113 29.81 34.34 -6.88
C SER B 113 28.38 34.45 -7.42
N GLY B 114 27.76 33.31 -7.72
CA GLY B 114 26.38 33.30 -8.20
C GLY B 114 25.40 33.88 -7.20
N GLN B 115 24.34 34.54 -7.67
CA GLN B 115 23.40 35.11 -6.72
C GLN B 115 22.24 34.15 -6.49
N PRO B 116 21.79 34.03 -5.22
CA PRO B 116 20.75 33.06 -4.88
C PRO B 116 19.46 33.36 -5.61
N LYS B 117 18.69 32.32 -5.92
CA LYS B 117 17.38 32.47 -6.54
C LYS B 117 16.40 31.45 -5.95
N ALA B 118 15.26 31.94 -5.45
CA ALA B 118 14.27 31.09 -4.80
C ALA B 118 13.53 30.24 -5.82
N PRO B 119 13.09 29.04 -5.42
CA PRO B 119 12.42 28.12 -6.34
C PRO B 119 10.99 28.55 -6.67
N SER B 120 10.52 28.20 -7.87
CA SER B 120 9.11 28.21 -8.16
C SER B 120 8.57 26.79 -7.91
N VAL B 121 7.41 26.69 -7.28
CA VAL B 121 6.81 25.40 -6.98
C VAL B 121 5.48 25.21 -7.73
N PHE B 122 5.35 24.12 -8.48
CA PHE B 122 4.12 23.83 -9.23
C PHE B 122 3.60 22.46 -8.85
N PRO B 123 2.26 22.29 -8.79
CA PRO B 123 1.69 20.98 -8.42
C PRO B 123 1.76 19.97 -9.57
N LEU B 124 1.81 18.69 -9.23
CA LEU B 124 1.78 17.60 -10.21
C LEU B 124 0.58 16.72 -9.91
N ALA B 125 -0.27 16.54 -10.91
CA ALA B 125 -1.46 15.70 -10.74
C ALA B 125 -1.84 15.09 -12.09
N PRO B 126 -2.43 13.89 -12.08
CA PRO B 126 -2.84 13.23 -13.33
C PRO B 126 -3.78 14.10 -14.15
N CYS B 127 -3.77 13.92 -15.47
CA CYS B 127 -4.60 14.73 -16.35
C CYS B 127 -6.07 14.60 -16.03
N CYS B 128 -6.78 15.73 -16.12
CA CYS B 128 -8.22 15.78 -15.97
C CYS B 128 -8.85 14.83 -17.00
N GLY B 129 -9.22 13.64 -16.54
CA GLY B 129 -9.75 12.62 -17.43
C GLY B 129 -9.15 11.26 -17.12
N ASP B 130 -8.10 11.25 -16.32
CA ASP B 130 -7.50 9.99 -15.88
C ASP B 130 -8.49 9.28 -14.96
N THR B 131 -8.76 8.01 -15.27
CA THR B 131 -9.81 7.26 -14.60
C THR B 131 -9.43 6.71 -13.21
N PRO B 132 -10.43 6.49 -12.34
CA PRO B 132 -10.37 5.77 -11.06
C PRO B 132 -9.54 4.46 -11.12
N SER B 133 -9.14 3.88 -9.98
CA SER B 133 -9.56 4.27 -8.63
C SER B 133 -8.50 3.98 -7.59
N SER B 134 -8.95 3.89 -6.35
CA SER B 134 -8.15 3.40 -5.21
C SER B 134 -6.98 4.31 -4.83
N THR B 135 -5.90 4.26 -5.61
CA THR B 135 -4.75 5.10 -5.31
C THR B 135 -4.60 6.27 -6.27
N VAL B 136 -3.78 7.23 -5.87
CA VAL B 136 -3.42 8.34 -6.74
C VAL B 136 -2.05 8.87 -6.30
N THR B 137 -1.20 9.17 -7.29
CA THR B 137 0.10 9.72 -7.01
C THR B 137 0.09 11.20 -7.34
N LEU B 138 0.45 12.03 -6.36
CA LEU B 138 0.49 13.48 -6.53
C LEU B 138 1.91 13.96 -6.27
N GLY B 139 2.21 15.22 -6.61
CA GLY B 139 3.56 15.70 -6.42
C GLY B 139 3.75 17.20 -6.55
N CYS B 140 5.00 17.63 -6.35
CA CYS B 140 5.40 19.02 -6.56
C CYS B 140 6.70 19.08 -7.36
N LEU B 141 6.71 19.93 -8.38
CA LEU B 141 7.92 20.23 -9.15
C LEU B 141 8.53 21.51 -8.59
N VAL B 142 9.81 21.42 -8.24
CA VAL B 142 10.52 22.56 -7.64
C VAL B 142 11.58 23.01 -8.63
N LYS B 143 11.43 24.23 -9.16
CA LYS B 143 12.12 24.61 -10.37
C LYS B 143 12.87 25.95 -10.24
N GLY B 144 14.00 26.04 -10.91
CA GLY B 144 14.73 27.31 -11.01
C GLY B 144 15.36 27.87 -9.74
N TYR B 145 15.95 27.02 -8.90
CA TYR B 145 16.62 27.52 -7.68
C TYR B 145 18.15 27.47 -7.72
N LEU B 146 18.77 28.30 -6.87
CA LEU B 146 20.22 28.36 -6.79
C LEU B 146 20.59 29.04 -5.49
N PRO B 147 21.58 28.52 -4.78
CA PRO B 147 22.25 27.23 -5.00
C PRO B 147 21.48 26.10 -4.32
N GLU B 148 22.07 24.91 -4.31
CA GLU B 148 21.52 23.79 -3.55
C GLU B 148 21.75 24.01 -2.07
N PRO B 149 20.94 23.34 -1.20
CA PRO B 149 19.83 22.43 -1.49
C PRO B 149 18.45 23.04 -1.25
N VAL B 150 17.42 22.28 -1.58
CA VAL B 150 16.09 22.55 -1.03
C VAL B 150 15.73 21.32 -0.18
N THR B 151 14.80 21.49 0.75
CA THR B 151 14.25 20.38 1.51
C THR B 151 12.75 20.31 1.24
N VAL B 152 12.24 19.11 1.00
CA VAL B 152 10.82 18.93 0.76
C VAL B 152 10.21 18.03 1.81
N THR B 153 9.12 18.45 2.44
CA THR B 153 8.34 17.58 3.30
C THR B 153 6.90 17.60 2.84
N TRP B 154 6.11 16.66 3.35
CA TRP B 154 4.69 16.59 3.05
C TRP B 154 3.88 16.66 4.34
N ASN B 155 2.80 17.44 4.31
CA ASN B 155 2.02 17.76 5.50
C ASN B 155 2.86 18.01 6.75
N SER B 156 3.83 18.92 6.60
CA SER B 156 4.73 19.32 7.69
C SER B 156 5.47 18.16 8.35
N GLY B 157 5.70 17.09 7.59
CA GLY B 157 6.49 15.99 8.09
C GLY B 157 5.68 14.85 8.67
N THR B 158 4.36 14.95 8.62
CA THR B 158 3.50 13.89 9.16
C THR B 158 3.17 12.84 8.09
N LEU B 159 3.40 13.18 6.83
CA LEU B 159 3.23 12.24 5.73
C LEU B 159 4.61 11.81 5.25
N THR B 160 4.92 10.54 5.46
CA THR B 160 6.28 10.04 5.40
C THR B 160 6.42 8.84 4.46
N ASN B 161 5.40 7.98 4.48
CA ASN B 161 5.42 6.77 3.66
C ASN B 161 4.92 7.02 2.26
N GLY B 162 5.58 6.41 1.28
CA GLY B 162 5.12 6.51 -0.09
C GLY B 162 5.60 7.79 -0.75
N VAL B 163 6.67 8.37 -0.20
CA VAL B 163 7.26 9.60 -0.73
C VAL B 163 8.54 9.31 -1.50
N ARG B 164 8.61 9.78 -2.75
CA ARG B 164 9.86 9.68 -3.51
C ARG B 164 10.31 11.08 -3.90
N THR B 165 11.49 11.47 -3.43
CA THR B 165 12.05 12.79 -3.78
C THR B 165 13.33 12.58 -4.56
N PHE B 166 13.27 12.90 -5.84
CA PHE B 166 14.35 12.62 -6.76
C PHE B 166 15.53 13.54 -6.55
N PRO B 167 16.75 13.08 -6.87
CA PRO B 167 17.91 13.96 -6.74
C PRO B 167 17.78 15.14 -7.71
N SER B 168 18.33 16.28 -7.34
CA SER B 168 18.21 17.47 -8.16
C SER B 168 19.01 17.27 -9.44
N VAL B 169 18.68 18.06 -10.47
CA VAL B 169 19.49 18.14 -11.69
C VAL B 169 19.73 19.61 -12.02
N ARG B 170 20.95 19.93 -12.44
CA ARG B 170 21.31 21.29 -12.83
C ARG B 170 20.93 21.45 -14.30
N GLN B 171 19.82 22.18 -14.55
CA GLN B 171 19.24 22.36 -15.89
C GLN B 171 20.08 23.27 -16.81
N SER B 172 19.64 23.42 -18.06
CA SER B 172 20.41 24.14 -19.10
C SER B 172 20.50 25.63 -18.79
N SER B 173 19.57 26.12 -17.98
CA SER B 173 19.57 27.49 -17.53
C SER B 173 20.66 27.79 -16.50
N GLY B 174 21.24 26.76 -15.89
CA GLY B 174 22.20 26.92 -14.81
C GLY B 174 21.60 26.79 -13.41
N LEU B 175 20.29 26.70 -13.35
CA LEU B 175 19.51 26.63 -12.11
C LEU B 175 19.09 25.19 -11.84
N TYR B 176 18.73 24.87 -10.61
CA TYR B 176 18.40 23.49 -10.27
C TYR B 176 16.91 23.19 -10.30
N SER B 177 16.60 21.92 -10.49
CA SER B 177 15.22 21.48 -10.46
C SER B 177 15.12 20.07 -9.86
N LEU B 178 14.08 19.82 -9.09
CA LEU B 178 13.73 18.46 -8.69
C LEU B 178 12.23 18.29 -8.56
N SER B 179 11.80 17.04 -8.46
CA SER B 179 10.40 16.68 -8.23
C SER B 179 10.27 15.81 -6.98
N SER B 180 9.14 15.93 -6.29
CA SER B 180 8.82 15.00 -5.20
C SER B 180 7.39 14.52 -5.42
N VAL B 181 7.19 13.21 -5.31
CA VAL B 181 5.85 12.64 -5.48
C VAL B 181 5.46 11.75 -4.31
N VAL B 182 4.16 11.58 -4.10
CA VAL B 182 3.65 10.79 -2.98
C VAL B 182 2.36 10.06 -3.37
N SER B 183 2.27 8.80 -2.98
CA SER B 183 1.12 7.98 -3.31
C SER B 183 0.15 8.03 -2.14
N VAL B 184 -1.09 8.32 -2.46
CA VAL B 184 -2.08 8.61 -1.44
C VAL B 184 -3.40 7.95 -1.81
N THR B 185 -4.06 7.33 -0.85
CA THR B 185 -5.28 6.58 -1.10
C THR B 185 -6.31 7.58 -1.71
N SER B 186 -6.75 7.29 -2.95
CA SER B 186 -7.36 8.28 -3.85
C SER B 186 -8.61 8.98 -3.31
N SER B 187 -8.81 10.21 -3.78
CA SER B 187 -10.00 11.00 -3.47
C SER B 187 -10.14 11.35 -1.99
N SER B 188 -9.01 11.41 -1.27
CA SER B 188 -9.03 11.65 0.17
C SER B 188 -8.26 12.91 0.57
N GLN B 189 -7.05 12.70 1.09
CA GLN B 189 -6.21 13.77 1.58
C GLN B 189 -6.00 14.82 0.51
N PRO B 190 -6.36 16.07 0.83
CA PRO B 190 -5.64 17.15 0.15
C PRO B 190 -4.30 17.18 0.84
N VAL B 191 -3.23 17.00 0.08
CA VAL B 191 -1.89 16.94 0.64
C VAL B 191 -1.13 18.20 0.29
N THR B 192 -0.17 18.56 1.13
CA THR B 192 0.58 19.80 0.94
C THR B 192 2.08 19.55 0.98
N CYS B 193 2.79 19.98 -0.06
CA CYS B 193 4.24 19.92 0.00
C CYS B 193 4.80 21.21 0.61
N ASN B 194 5.79 21.06 1.48
CA ASN B 194 6.47 22.20 2.07
C ASN B 194 7.88 22.26 1.54
N VAL B 195 8.21 23.33 0.80
CA VAL B 195 9.50 23.41 0.14
C VAL B 195 10.28 24.54 0.78
N ALA B 196 11.42 24.22 1.39
CA ALA B 196 12.25 25.24 2.00
C ALA B 196 13.56 25.38 1.22
N HIS B 197 14.01 26.62 1.07
CA HIS B 197 15.26 26.97 0.40
C HIS B 197 16.06 27.93 1.29
N PRO B 198 16.92 27.37 2.15
CA PRO B 198 17.67 28.14 3.16
C PRO B 198 18.45 29.33 2.59
N ALA B 199 19.03 29.20 1.41
CA ALA B 199 19.82 30.29 0.83
C ALA B 199 19.03 31.56 0.56
N THR B 200 17.73 31.44 0.34
CA THR B 200 16.90 32.63 0.13
C THR B 200 15.94 32.90 1.28
N ASN B 201 16.06 32.08 2.34
CA ASN B 201 15.21 32.20 3.53
C ASN B 201 13.72 32.02 3.21
N THR B 202 13.42 31.18 2.21
CA THR B 202 12.05 31.01 1.79
C THR B 202 11.51 29.63 2.14
N LYS B 203 10.22 29.58 2.38
CA LYS B 203 9.51 28.32 2.52
C LYS B 203 8.16 28.46 1.84
N VAL B 204 7.88 27.56 0.90
CA VAL B 204 6.62 27.61 0.15
C VAL B 204 5.78 26.37 0.42
N ASP B 205 4.47 26.57 0.62
CA ASP B 205 3.53 25.45 0.70
C ASP B 205 2.69 25.38 -0.57
N LYS B 206 2.43 24.17 -1.03
CA LYS B 206 1.58 23.98 -2.19
C LYS B 206 0.63 22.82 -1.94
N THR B 207 -0.67 23.11 -1.86
CA THR B 207 -1.65 22.07 -1.62
C THR B 207 -2.08 21.46 -2.94
N VAL B 208 -1.99 20.14 -3.04
CA VAL B 208 -2.32 19.46 -4.28
C VAL B 208 -3.56 18.59 -4.11
N ALA B 209 -4.52 18.78 -5.01
CA ALA B 209 -5.75 17.99 -4.96
C ALA B 209 -5.75 17.06 -6.15
N PRO B 210 -6.28 15.84 -5.98
CA PRO B 210 -6.41 14.91 -7.11
C PRO B 210 -7.22 15.59 -8.20
N SER B 211 -7.09 15.24 -9.48
CA SER B 211 -7.94 15.95 -10.46
C SER B 211 -9.34 15.35 -10.62
N THR B 212 -10.34 16.03 -10.06
CA THR B 212 -11.74 15.64 -10.28
C THR B 212 -12.21 16.15 -11.63
N CYS B 213 -13.51 15.98 -11.92
CA CYS B 213 -14.12 16.42 -13.17
C CYS B 213 -15.64 16.22 -13.18
N THR C 3 53.27 12.13 22.03
CA THR C 3 53.34 12.60 20.65
C THR C 3 52.49 11.72 19.71
N ARG C 4 51.89 12.37 18.72
CA ARG C 4 51.05 11.69 17.73
C ARG C 4 51.89 10.90 16.74
N LYS C 5 51.53 9.64 16.52
CA LYS C 5 52.21 8.80 15.55
C LYS C 5 51.48 8.73 14.21
N SER C 6 50.15 8.66 14.28
CA SER C 6 49.32 8.43 13.10
C SER C 6 47.93 9.06 13.28
N ILE C 7 46.92 8.51 12.62
CA ILE C 7 45.54 8.81 13.02
C ILE C 7 44.98 7.62 13.80
N HIS C 8 44.08 7.87 14.73
CA HIS C 8 43.47 6.75 15.46
C HIS C 8 42.11 6.39 14.88
N ILE C 9 41.94 5.12 14.48
CA ILE C 9 40.69 4.64 13.89
C ILE C 9 40.05 3.56 14.78
N GLY C 10 38.80 3.76 15.15
CA GLY C 10 38.04 2.77 15.90
C GLY C 10 38.12 3.00 17.39
N PRO C 11 37.61 2.04 18.18
CA PRO C 11 37.56 2.12 19.65
C PRO C 11 38.94 2.34 20.27
N GLY C 12 38.99 3.13 21.34
CA GLY C 12 40.25 3.48 21.97
C GLY C 12 40.64 2.51 23.07
N GLN D 1 -4.95 -30.18 13.47
CA GLN D 1 -4.29 -28.90 13.38
C GLN D 1 -5.37 -27.85 13.58
N VAL D 2 -5.17 -26.97 14.55
CA VAL D 2 -6.15 -25.95 14.86
C VAL D 2 -5.46 -24.59 14.75
N LEU D 3 -6.08 -23.66 14.04
CA LEU D 3 -5.50 -22.34 13.82
C LEU D 3 -6.39 -21.31 14.51
N THR D 4 -5.92 -20.71 15.60
CA THR D 4 -6.77 -19.86 16.43
C THR D 4 -6.56 -18.40 16.03
N GLN D 5 -7.62 -17.76 15.51
CA GLN D 5 -7.50 -16.38 15.02
C GLN D 5 -8.12 -15.37 15.99
N THR D 6 -7.37 -14.31 16.30
CA THR D 6 -7.86 -13.28 17.23
C THR D 6 -7.49 -11.89 16.72
N PRO D 7 -8.31 -10.88 17.01
CA PRO D 7 -9.59 -10.95 17.73
C PRO D 7 -10.68 -11.38 16.77
N SER D 8 -11.86 -11.71 17.29
CA SER D 8 -12.97 -12.09 16.43
C SER D 8 -13.59 -10.88 15.74
N SER D 9 -13.41 -9.70 16.34
CA SER D 9 -13.83 -8.45 15.66
C SER D 9 -13.03 -7.27 16.18
N VAL D 10 -12.95 -6.22 15.38
CA VAL D 10 -12.27 -4.99 15.78
C VAL D 10 -12.87 -3.83 15.00
N SER D 11 -12.98 -2.69 15.68
CA SER D 11 -13.37 -1.44 15.04
C SER D 11 -12.21 -0.46 15.04
N THR D 12 -11.91 0.13 13.89
CA THR D 12 -10.73 0.99 13.77
C THR D 12 -10.97 2.16 12.82
N ALA D 13 -10.26 3.27 13.03
CA ALA D 13 -10.53 4.50 12.27
C ALA D 13 -9.90 4.49 10.89
N VAL D 14 -10.53 5.17 9.93
CA VAL D 14 -9.86 5.47 8.66
C VAL D 14 -8.51 6.13 8.97
N GLY D 15 -7.45 5.66 8.33
CA GLY D 15 -6.15 6.24 8.53
C GLY D 15 -5.32 5.60 9.62
N SER D 16 -5.94 4.74 10.42
CA SER D 16 -5.19 3.99 11.43
C SER D 16 -4.50 2.79 10.80
N ALA D 17 -3.72 2.07 11.60
CA ALA D 17 -3.25 0.76 11.20
C ALA D 17 -3.94 -0.26 12.12
N VAL D 18 -4.10 -1.49 11.65
CA VAL D 18 -4.82 -2.51 12.42
C VAL D 18 -4.12 -3.85 12.27
N THR D 19 -4.08 -4.64 13.35
CA THR D 19 -3.33 -5.91 13.32
C THR D 19 -4.18 -7.11 13.80
N ILE D 20 -4.04 -8.24 13.11
CA ILE D 20 -4.75 -9.48 13.42
C ILE D 20 -3.73 -10.57 13.69
N ASN D 21 -4.06 -11.53 14.55
CA ASN D 21 -3.12 -12.57 14.98
C ASN D 21 -3.63 -13.97 14.62
N CYS D 22 -2.73 -14.88 14.31
CA CYS D 22 -3.10 -16.28 14.16
C CYS D 22 -2.04 -17.17 14.81
N GLN D 23 -2.50 -18.08 15.66
CA GLN D 23 -1.65 -18.95 16.44
C GLN D 23 -2.03 -20.41 16.13
N SER D 24 -1.04 -21.22 15.77
CA SER D 24 -1.26 -22.57 15.28
C SER D 24 -0.88 -23.62 16.34
N SER D 25 -1.65 -24.70 16.43
CA SER D 25 -1.37 -25.79 17.37
C SER D 25 -0.12 -26.62 17.02
N GLN D 26 0.36 -26.48 15.79
CA GLN D 26 1.57 -27.17 15.31
C GLN D 26 2.19 -26.30 14.21
N ASN D 27 3.48 -26.50 13.93
CA ASN D 27 4.14 -25.73 12.87
C ASN D 27 3.46 -25.95 11.54
N VAL D 28 3.27 -24.88 10.77
CA VAL D 28 2.79 -25.01 9.41
C VAL D 28 3.88 -25.62 8.55
N TYR D 29 3.51 -26.16 7.40
CA TYR D 29 4.48 -26.83 6.52
C TYR D 29 5.64 -25.90 6.12
N SER D 30 6.87 -26.39 6.26
CA SER D 30 8.07 -25.59 6.01
C SER D 30 8.13 -24.31 6.85
N ASN D 31 7.44 -24.30 7.98
CA ASN D 31 7.34 -23.11 8.83
C ASN D 31 6.76 -21.85 8.19
N ASN D 32 6.42 -21.87 6.90
CA ASN D 32 5.81 -20.68 6.31
C ASN D 32 4.60 -20.86 5.37
N ASN D 33 4.03 -22.06 5.31
CA ASN D 33 2.86 -22.25 4.44
C ASN D 33 1.63 -21.69 5.14
N LEU D 34 1.47 -20.38 5.02
CA LEU D 34 0.40 -19.64 5.72
C LEU D 34 -0.04 -18.48 4.83
N ALA D 35 -1.36 -18.29 4.70
CA ALA D 35 -1.88 -17.24 3.83
C ALA D 35 -2.99 -16.41 4.50
N TRP D 36 -3.22 -15.20 4.01
CA TRP D 36 -4.29 -14.35 4.51
C TRP D 36 -5.25 -13.94 3.40
N PHE D 37 -6.53 -13.87 3.75
CA PHE D 37 -7.60 -13.60 2.80
C PHE D 37 -8.51 -12.48 3.25
N GLN D 38 -9.14 -11.82 2.28
CA GLN D 38 -10.19 -10.83 2.55
C GLN D 38 -11.49 -11.35 1.93
N GLN D 39 -12.59 -11.28 2.66
CA GLN D 39 -13.88 -11.64 2.07
C GLN D 39 -14.99 -10.63 2.36
N LYS D 40 -15.61 -10.10 1.32
CA LYS D 40 -16.76 -9.22 1.50
C LYS D 40 -18.04 -10.02 1.31
N PRO D 41 -19.16 -9.55 1.90
CA PRO D 41 -20.43 -10.28 1.83
C PRO D 41 -20.88 -10.61 0.41
N GLY D 42 -21.28 -11.86 0.19
CA GLY D 42 -21.72 -12.33 -1.10
C GLY D 42 -20.62 -12.68 -2.09
N GLN D 43 -19.36 -12.48 -1.69
CA GLN D 43 -18.23 -12.67 -2.57
C GLN D 43 -17.34 -13.82 -2.12
N PRO D 44 -16.53 -14.38 -3.05
CA PRO D 44 -15.53 -15.37 -2.63
C PRO D 44 -14.34 -14.67 -1.97
N PRO D 45 -13.56 -15.41 -1.17
CA PRO D 45 -12.32 -14.92 -0.57
C PRO D 45 -11.34 -14.47 -1.64
N ARG D 46 -10.51 -13.48 -1.30
CA ARG D 46 -9.47 -12.95 -2.19
C ARG D 46 -8.12 -13.16 -1.49
N LEU D 47 -7.18 -13.78 -2.18
CA LEU D 47 -5.85 -14.04 -1.62
C LEU D 47 -5.09 -12.72 -1.53
N LEU D 48 -4.56 -12.41 -0.34
CA LEU D 48 -3.79 -11.18 -0.13
C LEU D 48 -2.29 -11.48 0.06
N ILE D 49 -1.99 -12.42 0.97
CA ILE D 49 -0.61 -12.77 1.30
C ILE D 49 -0.45 -14.28 1.28
N TYR D 50 0.67 -14.79 0.77
CA TYR D 50 0.97 -16.22 0.91
C TYR D 50 2.43 -16.40 1.31
N ASP D 51 2.79 -17.63 1.70
CA ASP D 51 4.12 -17.91 2.23
C ASP D 51 4.46 -16.96 3.40
N ALA D 52 3.46 -16.68 4.23
CA ALA D 52 3.58 -15.84 5.44
C ALA D 52 3.71 -14.34 5.18
N SER D 53 4.47 -13.98 4.13
CA SER D 53 4.81 -12.57 3.91
C SER D 53 4.87 -12.09 2.46
N LYS D 54 4.61 -12.96 1.49
CA LYS D 54 4.65 -12.54 0.10
C LYS D 54 3.32 -11.96 -0.35
N LEU D 55 3.37 -10.83 -1.05
CA LEU D 55 2.18 -10.10 -1.52
C LEU D 55 1.66 -10.71 -2.81
N ALA D 56 0.38 -11.04 -2.86
CA ALA D 56 -0.20 -11.57 -4.10
C ALA D 56 -0.20 -10.48 -5.16
N SER D 57 -0.06 -10.87 -6.41
CA SER D 57 0.04 -9.90 -7.50
C SER D 57 -1.18 -9.00 -7.53
N GLY D 58 -0.97 -7.68 -7.57
CA GLY D 58 -2.08 -6.74 -7.64
C GLY D 58 -2.69 -6.32 -6.30
N VAL D 59 -2.08 -6.78 -5.21
CA VAL D 59 -2.55 -6.41 -3.87
C VAL D 59 -1.74 -5.23 -3.36
N PRO D 60 -2.43 -4.20 -2.82
CA PRO D 60 -1.77 -2.98 -2.31
C PRO D 60 -0.73 -3.28 -1.23
N SER D 61 0.37 -2.54 -1.23
CA SER D 61 1.48 -2.80 -0.30
C SER D 61 1.24 -2.32 1.12
N ARG D 62 0.09 -1.71 1.37
CA ARG D 62 -0.28 -1.39 2.75
C ARG D 62 -0.77 -2.63 3.50
N PHE D 63 -0.90 -3.75 2.78
CA PHE D 63 -1.14 -5.06 3.41
C PHE D 63 0.18 -5.76 3.65
N LYS D 64 0.38 -6.24 4.87
CA LYS D 64 1.64 -6.85 5.22
C LYS D 64 1.43 -8.05 6.17
N GLY D 65 2.13 -9.16 5.91
CA GLY D 65 2.12 -10.28 6.82
C GLY D 65 3.53 -10.59 7.35
N SER D 66 3.61 -11.14 8.56
CA SER D 66 4.88 -11.67 9.06
C SER D 66 4.68 -12.80 10.06
N GLY D 67 5.78 -13.47 10.43
CA GLY D 67 5.71 -14.56 11.37
C GLY D 67 6.28 -15.83 10.79
N SER D 68 6.28 -16.90 11.58
CA SER D 68 6.91 -18.16 11.19
C SER D 68 6.57 -19.24 12.20
N GLY D 69 6.62 -20.51 11.78
CA GLY D 69 6.37 -21.58 12.73
C GLY D 69 4.91 -21.67 13.12
N THR D 70 4.58 -21.22 14.34
CA THR D 70 3.22 -21.27 14.84
C THR D 70 2.59 -19.90 15.11
N GLN D 71 3.33 -18.82 14.90
CA GLN D 71 2.85 -17.47 15.27
C GLN D 71 2.92 -16.49 14.11
N PHE D 72 1.77 -15.94 13.73
CA PHE D 72 1.67 -15.08 12.55
C PHE D 72 0.81 -13.83 12.81
N THR D 73 1.16 -12.72 12.17
CA THR D 73 0.36 -11.50 12.28
C THR D 73 0.15 -10.90 10.91
N PHE D 74 -0.93 -10.13 10.78
CA PHE D 74 -1.32 -9.48 9.53
C PHE D 74 -1.70 -8.04 9.86
N THR D 75 -1.12 -7.09 9.14
CA THR D 75 -1.33 -5.66 9.45
C THR D 75 -1.75 -4.86 8.22
N ILE D 76 -2.85 -4.12 8.35
CA ILE D 76 -3.25 -3.18 7.32
C ILE D 76 -2.80 -1.79 7.74
N SER D 77 -1.98 -1.15 6.90
CA SER D 77 -1.59 0.26 7.08
C SER D 77 -2.56 1.19 6.37
N ASP D 78 -2.74 2.39 6.95
CA ASP D 78 -3.58 3.44 6.36
C ASP D 78 -4.95 2.86 5.93
N VAL D 79 -5.69 2.35 6.91
CA VAL D 79 -6.96 1.65 6.69
C VAL D 79 -7.96 2.54 5.94
N GLN D 80 -8.64 1.95 4.97
CA GLN D 80 -9.61 2.67 4.14
C GLN D 80 -11.00 2.06 4.28
N CYS D 81 -12.03 2.84 3.96
CA CYS D 81 -13.39 2.30 3.99
C CYS D 81 -13.51 1.03 3.14
N ASP D 82 -12.78 0.97 2.03
CA ASP D 82 -12.80 -0.19 1.14
C ASP D 82 -12.28 -1.48 1.81
N ASP D 83 -11.57 -1.33 2.93
CA ASP D 83 -10.99 -2.50 3.61
C ASP D 83 -11.99 -3.23 4.52
N ALA D 84 -13.11 -2.58 4.84
CA ALA D 84 -14.10 -3.16 5.75
C ALA D 84 -14.59 -4.51 5.21
N ALA D 85 -14.27 -5.59 5.94
CA ALA D 85 -14.53 -6.95 5.47
C ALA D 85 -14.25 -7.92 6.60
N THR D 86 -14.38 -9.21 6.30
CA THR D 86 -13.89 -10.26 7.18
C THR D 86 -12.60 -10.83 6.61
N PHE D 87 -11.58 -10.97 7.46
CA PHE D 87 -10.29 -11.52 7.03
C PHE D 87 -10.04 -12.89 7.66
N TYR D 88 -9.38 -13.76 6.93
CA TYR D 88 -9.08 -15.13 7.39
C TYR D 88 -7.62 -15.51 7.16
N CYS D 89 -7.04 -16.23 8.12
CA CYS D 89 -5.78 -16.92 7.88
C CYS D 89 -6.02 -18.39 7.51
N LEU D 90 -5.14 -18.96 6.70
CA LEU D 90 -5.23 -20.36 6.31
C LEU D 90 -3.86 -21.04 6.43
N GLY D 91 -3.80 -22.13 7.18
CA GLY D 91 -2.55 -22.88 7.34
C GLY D 91 -2.49 -24.14 6.48
N GLY D 92 -1.33 -24.37 5.86
CA GLY D 92 -1.02 -25.62 5.18
C GLY D 92 -0.10 -26.45 6.05
N TYR D 93 -0.39 -27.74 6.21
CA TYR D 93 0.31 -28.59 7.18
C TYR D 93 0.95 -29.82 6.56
N ASP D 94 1.79 -30.52 7.32
CA ASP D 94 2.35 -31.78 6.85
C ASP D 94 1.26 -32.86 6.77
N CYS D 95 0.91 -33.30 5.55
CA CYS D 95 -0.17 -34.27 5.37
C CYS D 95 0.04 -35.62 6.07
N SER D 96 1.29 -35.96 6.36
CA SER D 96 1.62 -37.27 6.94
C SER D 96 1.41 -37.31 8.45
N SER D 97 1.18 -36.17 9.08
CA SER D 97 1.03 -36.15 10.53
C SER D 97 -0.31 -35.60 11.00
N GLY D 98 -1.21 -35.32 10.06
CA GLY D 98 -2.51 -34.77 10.41
C GLY D 98 -3.19 -34.32 9.14
N ASP D 99 -4.18 -33.42 9.27
CA ASP D 99 -4.91 -32.88 8.12
C ASP D 99 -4.01 -31.92 7.34
N CYS D 100 -4.25 -31.79 6.04
CA CYS D 100 -3.42 -30.97 5.17
C CYS D 100 -3.58 -29.46 5.36
N ALA D 101 -4.69 -29.04 5.97
CA ALA D 101 -5.01 -27.60 6.04
C ALA D 101 -6.02 -27.26 7.15
N ALA D 102 -6.05 -26.00 7.56
CA ALA D 102 -7.03 -25.49 8.52
C ALA D 102 -7.17 -23.98 8.36
N PHE D 103 -8.41 -23.48 8.37
CA PHE D 103 -8.70 -22.04 8.40
C PHE D 103 -8.80 -21.52 9.83
N GLY D 104 -8.41 -20.27 10.08
CA GLY D 104 -8.75 -19.62 11.33
C GLY D 104 -10.22 -19.20 11.29
N GLY D 105 -10.79 -18.77 12.41
CA GLY D 105 -12.21 -18.49 12.47
C GLY D 105 -12.65 -17.13 11.95
N GLY D 106 -11.69 -16.28 11.57
CA GLY D 106 -12.02 -14.99 10.97
C GLY D 106 -11.98 -13.79 11.90
N THR D 107 -11.78 -12.61 11.32
CA THR D 107 -11.85 -11.35 12.04
C THR D 107 -12.68 -10.36 11.26
N GLU D 108 -13.74 -9.86 11.87
CA GLU D 108 -14.57 -8.85 11.23
C GLU D 108 -13.97 -7.46 11.50
N VAL D 109 -13.61 -6.74 10.46
CA VAL D 109 -13.02 -5.41 10.62
C VAL D 109 -14.05 -4.33 10.24
N VAL D 110 -14.46 -3.54 11.22
CA VAL D 110 -15.36 -2.40 10.99
C VAL D 110 -14.52 -1.13 10.93
N VAL D 111 -14.78 -0.26 9.96
CA VAL D 111 -13.94 0.93 9.73
C VAL D 111 -14.71 2.22 10.01
N ARG D 112 -14.19 3.06 10.89
CA ARG D 112 -14.89 4.29 11.29
C ARG D 112 -14.53 5.48 10.40
N GLY D 113 -15.52 5.93 9.62
CA GLY D 113 -15.31 7.06 8.73
C GLY D 113 -15.91 8.35 9.28
N ASP D 114 -15.95 9.38 8.45
CA ASP D 114 -16.58 10.63 8.83
C ASP D 114 -18.08 10.43 9.09
N PRO D 115 -18.61 11.06 10.13
CA PRO D 115 -20.03 10.93 10.46
C PRO D 115 -20.95 11.54 9.39
N VAL D 116 -22.07 10.86 9.12
CA VAL D 116 -23.06 11.33 8.16
C VAL D 116 -24.43 11.06 8.74
N ALA D 117 -25.30 12.08 8.77
CA ALA D 117 -26.66 11.90 9.26
C ALA D 117 -27.53 11.23 8.20
N PRO D 118 -28.42 10.32 8.62
CA PRO D 118 -29.26 9.61 7.64
C PRO D 118 -30.41 10.47 7.10
N THR D 119 -30.87 10.20 5.87
CA THR D 119 -32.22 10.63 5.48
C THR D 119 -33.13 9.40 5.62
N VAL D 120 -34.44 9.62 5.76
CA VAL D 120 -35.35 8.53 6.10
C VAL D 120 -36.58 8.49 5.19
N LEU D 121 -37.01 7.27 4.84
CA LEU D 121 -38.18 7.07 3.99
C LEU D 121 -39.12 6.08 4.67
N ILE D 122 -40.42 6.32 4.57
CA ILE D 122 -41.40 5.36 5.06
C ILE D 122 -42.35 4.96 3.94
N PHE D 123 -42.62 3.67 3.82
CA PHE D 123 -43.49 3.14 2.77
C PHE D 123 -44.71 2.45 3.36
N PRO D 124 -45.91 3.01 3.10
CA PRO D 124 -47.14 2.35 3.52
C PRO D 124 -47.38 1.02 2.78
N PRO D 125 -48.19 0.14 3.36
CA PRO D 125 -48.43 -1.17 2.74
C PRO D 125 -49.18 -1.04 1.44
N ALA D 126 -48.74 -1.74 0.38
CA ALA D 126 -49.48 -1.74 -0.87
C ALA D 126 -50.89 -2.28 -0.64
N ALA D 127 -51.86 -1.78 -1.40
CA ALA D 127 -53.26 -2.15 -1.23
C ALA D 127 -53.48 -3.67 -1.22
N ASP D 128 -52.75 -4.37 -2.07
CA ASP D 128 -52.80 -5.83 -2.12
C ASP D 128 -52.49 -6.54 -0.82
N GLN D 129 -51.78 -5.87 0.09
CA GLN D 129 -51.34 -6.52 1.32
C GLN D 129 -52.44 -6.84 2.33
N VAL D 130 -53.32 -5.87 2.58
CA VAL D 130 -54.35 -6.03 3.60
C VAL D 130 -55.23 -7.25 3.34
N ALA D 131 -55.40 -7.59 2.06
CA ALA D 131 -56.23 -8.73 1.69
C ALA D 131 -55.67 -10.04 2.21
N THR D 132 -54.34 -10.11 2.37
CA THR D 132 -53.71 -11.35 2.81
C THR D 132 -53.92 -11.61 4.29
N GLY D 133 -54.34 -10.59 5.03
CA GLY D 133 -54.51 -10.72 6.47
C GLY D 133 -53.38 -10.15 7.31
N THR D 134 -52.22 -9.98 6.69
CA THR D 134 -51.08 -9.36 7.37
C THR D 134 -50.47 -8.22 6.52
N VAL D 135 -49.91 -7.24 7.22
CA VAL D 135 -49.47 -5.99 6.60
C VAL D 135 -48.05 -5.70 7.09
N THR D 136 -47.18 -5.32 6.16
CA THR D 136 -45.79 -4.98 6.47
C THR D 136 -45.45 -3.55 6.09
N ILE D 137 -45.07 -2.73 7.08
CA ILE D 137 -44.70 -1.34 6.80
C ILE D 137 -43.19 -1.25 6.75
N VAL D 138 -42.63 -0.53 5.77
CA VAL D 138 -41.17 -0.50 5.58
C VAL D 138 -40.59 0.87 5.81
N CYS D 139 -39.54 0.94 6.63
CA CYS D 139 -38.81 2.18 6.87
C CYS D 139 -37.38 2.01 6.44
N VAL D 140 -36.84 2.99 5.73
CA VAL D 140 -35.43 2.93 5.30
C VAL D 140 -34.62 4.13 5.81
N ALA D 141 -33.44 3.87 6.35
CA ALA D 141 -32.49 4.93 6.68
C ALA D 141 -31.31 4.85 5.73
N ASN D 142 -31.09 5.92 4.96
CA ASN D 142 -30.08 5.98 3.88
C ASN D 142 -28.73 6.56 4.30
N LYS D 143 -27.64 5.88 3.93
CA LYS D 143 -26.30 6.49 3.87
C LYS D 143 -25.90 7.20 5.18
N TYR D 144 -25.68 6.45 6.24
CA TYR D 144 -25.34 7.07 7.52
C TYR D 144 -24.13 6.41 8.20
N PHE D 145 -23.56 7.12 9.16
CA PHE D 145 -22.54 6.60 10.04
C PHE D 145 -22.38 7.60 11.16
N PRO D 146 -22.26 7.15 12.41
CA PRO D 146 -22.22 5.75 12.91
C PRO D 146 -23.61 5.14 13.04
N ASP D 147 -23.70 3.98 13.70
CA ASP D 147 -24.96 3.26 13.83
C ASP D 147 -26.11 4.09 14.39
N VAL D 148 -27.35 3.71 14.05
CA VAL D 148 -28.56 4.37 14.53
C VAL D 148 -29.42 3.41 15.31
N THR D 149 -30.44 3.93 15.98
CA THR D 149 -31.49 3.10 16.56
C THR D 149 -32.81 3.50 15.92
N VAL D 150 -33.74 2.55 15.81
CA VAL D 150 -35.03 2.82 15.20
C VAL D 150 -36.13 2.59 16.22
N THR D 151 -37.09 3.50 16.24
CA THR D 151 -38.28 3.38 17.09
C THR D 151 -39.55 3.47 16.25
N TRP D 152 -40.44 2.50 16.42
CA TRP D 152 -41.74 2.57 15.76
C TRP D 152 -42.80 3.03 16.75
N GLU D 153 -43.69 3.91 16.29
CA GLU D 153 -44.84 4.36 17.10
C GLU D 153 -46.13 4.27 16.30
N VAL D 154 -47.17 3.74 16.93
CA VAL D 154 -48.50 3.67 16.32
C VAL D 154 -49.48 4.45 17.19
N ASP D 155 -50.00 5.55 16.64
CA ASP D 155 -50.85 6.48 17.38
C ASP D 155 -50.21 6.91 18.70
N GLY D 156 -48.90 7.15 18.68
CA GLY D 156 -48.20 7.64 19.85
C GLY D 156 -47.59 6.56 20.73
N THR D 157 -48.04 5.32 20.55
CA THR D 157 -47.58 4.21 21.38
C THR D 157 -46.38 3.48 20.78
N THR D 158 -45.27 3.46 21.51
CA THR D 158 -44.08 2.74 21.08
C THR D 158 -44.34 1.24 20.88
N GLN D 159 -43.99 0.71 19.72
CA GLN D 159 -44.12 -0.72 19.43
C GLN D 159 -42.95 -1.50 20.03
N THR D 160 -43.22 -2.71 20.49
CA THR D 160 -42.21 -3.53 21.15
C THR D 160 -42.13 -4.92 20.55
N THR D 161 -42.94 -5.18 19.51
CA THR D 161 -42.94 -6.48 18.85
C THR D 161 -43.26 -6.34 17.36
N GLY D 162 -42.95 -7.37 16.58
CA GLY D 162 -43.20 -7.35 15.15
C GLY D 162 -42.19 -6.58 14.31
N ILE D 163 -41.03 -6.29 14.87
CA ILE D 163 -40.04 -5.48 14.18
C ILE D 163 -38.80 -6.29 13.76
N GLU D 164 -38.32 -6.01 12.55
CA GLU D 164 -37.17 -6.72 11.98
C GLU D 164 -36.24 -5.73 11.26
N ASN D 165 -34.97 -5.71 11.63
CA ASN D 165 -33.98 -4.83 11.01
C ASN D 165 -32.94 -5.56 10.15
N SER D 166 -32.57 -4.96 9.04
CA SER D 166 -31.54 -5.49 8.16
C SER D 166 -30.61 -4.37 7.66
N LYS D 167 -29.31 -4.52 7.91
CA LYS D 167 -28.31 -3.49 7.60
C LYS D 167 -27.34 -3.97 6.51
N THR D 168 -27.04 -3.09 5.54
CA THR D 168 -26.12 -3.42 4.44
C THR D 168 -24.65 -3.45 4.92
N PRO D 169 -23.75 -3.99 4.10
CA PRO D 169 -22.32 -3.82 4.41
C PRO D 169 -21.91 -2.36 4.27
N GLN D 170 -20.78 -1.99 4.86
CA GLN D 170 -20.28 -0.62 4.76
C GLN D 170 -19.95 -0.26 3.32
N ASN D 171 -20.28 0.98 2.93
CA ASN D 171 -19.90 1.50 1.62
C ASN D 171 -18.38 1.60 1.47
N SER D 172 -17.85 1.09 0.35
CA SER D 172 -16.40 1.03 0.17
C SER D 172 -15.77 2.41 -0.03
N ALA D 173 -16.60 3.41 -0.32
CA ALA D 173 -16.09 4.77 -0.49
C ALA D 173 -16.11 5.63 0.76
N ASP D 174 -17.21 5.59 1.53
CA ASP D 174 -17.35 6.49 2.67
C ASP D 174 -17.75 5.83 4.00
N CYS D 175 -17.72 4.51 4.05
CA CYS D 175 -17.98 3.75 5.28
C CYS D 175 -19.46 3.72 5.71
N THR D 176 -20.35 4.38 4.97
CA THR D 176 -21.74 4.47 5.41
C THR D 176 -22.55 3.17 5.31
N TYR D 177 -23.57 3.06 6.15
CA TYR D 177 -24.51 1.96 6.15
C TYR D 177 -25.82 2.39 5.51
N ASN D 178 -26.64 1.41 5.17
CA ASN D 178 -28.06 1.64 4.91
C ASN D 178 -28.84 0.62 5.75
N LEU D 179 -30.05 0.98 6.18
CA LEU D 179 -30.85 0.12 7.04
C LEU D 179 -32.31 0.02 6.61
N SER D 180 -32.85 -1.19 6.59
CA SER D 180 -34.30 -1.34 6.42
C SER D 180 -34.89 -1.83 7.73
N SER D 181 -35.97 -1.21 8.17
CA SER D 181 -36.69 -1.69 9.36
C SER D 181 -38.14 -1.92 8.97
N THR D 182 -38.67 -3.10 9.28
CA THR D 182 -40.06 -3.42 8.94
C THR D 182 -40.92 -3.67 10.18
N LEU D 183 -42.13 -3.15 10.16
CA LEU D 183 -43.12 -3.42 11.22
C LEU D 183 -44.26 -4.24 10.62
N THR D 184 -44.53 -5.40 11.23
CA THR D 184 -45.55 -6.31 10.75
C THR D 184 -46.76 -6.41 11.71
N LEU D 185 -47.97 -6.26 11.17
CA LEU D 185 -49.19 -6.31 11.97
C LEU D 185 -50.25 -7.09 11.22
N THR D 186 -51.30 -7.51 11.94
CA THR D 186 -52.45 -8.12 11.28
C THR D 186 -53.22 -7.00 10.59
N SER D 187 -54.01 -7.34 9.60
CA SER D 187 -54.85 -6.34 8.94
C SER D 187 -55.84 -5.72 9.92
N THR D 188 -56.35 -6.55 10.84
CA THR D 188 -57.26 -6.08 11.87
C THR D 188 -56.60 -4.99 12.68
N GLN D 189 -55.39 -5.25 13.14
CA GLN D 189 -54.62 -4.28 13.92
C GLN D 189 -54.38 -3.01 13.12
N TYR D 190 -53.91 -3.18 11.88
CA TYR D 190 -53.57 -2.05 11.01
C TYR D 190 -54.79 -1.17 10.79
N ASN D 191 -55.92 -1.80 10.52
CA ASN D 191 -57.14 -1.04 10.26
C ASN D 191 -57.70 -0.30 11.48
N SER D 192 -57.21 -0.64 12.66
CA SER D 192 -57.72 -0.01 13.88
C SER D 192 -56.85 1.14 14.38
N HIS D 193 -55.90 1.57 13.55
CA HIS D 193 -55.10 2.72 13.92
C HIS D 193 -54.87 3.72 12.80
N LYS D 194 -54.36 4.90 13.16
CA LYS D 194 -54.26 6.00 12.23
C LYS D 194 -52.84 6.37 11.82
N GLU D 195 -52.04 6.78 12.80
CA GLU D 195 -50.73 7.35 12.52
C GLU D 195 -49.62 6.33 12.68
N TYR D 196 -48.77 6.22 11.67
CA TYR D 196 -47.67 5.26 11.69
C TYR D 196 -46.34 6.00 11.54
N THR D 197 -45.49 5.87 12.56
CA THR D 197 -44.30 6.70 12.64
C THR D 197 -43.01 5.90 12.78
N CYS D 198 -42.02 6.24 11.96
CA CYS D 198 -40.69 5.64 12.06
C CYS D 198 -39.72 6.71 12.52
N LYS D 199 -39.06 6.47 13.65
CA LYS D 199 -38.09 7.43 14.18
C LYS D 199 -36.68 6.84 14.22
N VAL D 200 -35.76 7.49 13.52
CA VAL D 200 -34.38 6.99 13.41
C VAL D 200 -33.50 7.95 14.18
N THR D 201 -32.75 7.43 15.14
CA THR D 201 -32.00 8.25 16.08
C THR D 201 -30.49 8.01 16.00
N GLN D 202 -29.75 9.10 15.84
CA GLN D 202 -28.30 9.05 15.81
C GLN D 202 -27.75 10.04 16.84
N GLY D 203 -27.27 9.51 17.96
CA GLY D 203 -26.86 10.35 19.06
C GLY D 203 -28.08 10.92 19.74
N THR D 204 -28.19 12.24 19.77
CA THR D 204 -29.39 12.89 20.31
C THR D 204 -30.26 13.54 19.24
N THR D 205 -29.98 13.24 17.98
CA THR D 205 -30.73 13.83 16.88
C THR D 205 -31.50 12.78 16.12
N SER D 206 -32.80 12.99 15.98
CA SER D 206 -33.65 12.03 15.29
C SER D 206 -34.19 12.61 13.99
N VAL D 207 -34.47 11.73 13.05
CA VAL D 207 -35.24 12.06 11.85
C VAL D 207 -36.51 11.25 11.93
N VAL D 208 -37.66 11.88 11.72
CA VAL D 208 -38.94 11.23 11.92
C VAL D 208 -39.78 11.26 10.65
N GLN D 209 -40.30 10.12 10.22
CA GLN D 209 -41.20 10.07 9.07
C GLN D 209 -42.49 9.38 9.46
N SER D 210 -43.63 9.94 9.03
CA SER D 210 -44.94 9.37 9.34
C SER D 210 -45.91 9.42 8.16
N PHE D 211 -46.93 8.58 8.22
CA PHE D 211 -48.09 8.72 7.33
C PHE D 211 -49.36 8.37 8.11
N ASN D 212 -50.52 8.80 7.59
CA ASN D 212 -51.81 8.36 8.12
C ASN D 212 -52.41 7.32 7.21
N ARG D 213 -52.92 6.24 7.80
CA ARG D 213 -53.43 5.12 7.03
C ARG D 213 -54.43 5.53 5.95
N GLY D 214 -55.38 6.40 6.33
CA GLY D 214 -56.41 6.82 5.41
C GLY D 214 -56.01 7.88 4.41
N ASP D 215 -54.74 8.24 4.41
CA ASP D 215 -54.23 9.25 3.47
C ASP D 215 -53.55 8.66 2.23
N CYS D 216 -53.32 7.35 2.22
CA CYS D 216 -52.55 6.73 1.14
C CYS D 216 -53.41 6.03 0.09
N GLN E 1 -8.99 -16.46 -17.37
CA GLN E 1 -9.05 -17.69 -16.60
C GLN E 1 -9.97 -17.52 -15.40
N SER E 2 -10.90 -18.45 -15.24
CA SER E 2 -11.92 -18.34 -14.20
C SER E 2 -12.55 -19.70 -13.84
N LEU E 3 -13.26 -19.73 -12.73
CA LEU E 3 -13.90 -20.94 -12.27
C LEU E 3 -15.38 -20.70 -12.05
N GLU E 4 -16.20 -21.71 -12.30
CA GLU E 4 -17.61 -21.62 -11.94
C GLU E 4 -18.12 -22.94 -11.37
N GLU E 5 -18.79 -22.85 -10.21
CA GLU E 5 -19.38 -24.02 -9.56
C GLU E 5 -20.85 -24.11 -9.94
N SER E 6 -21.37 -25.33 -10.04
CA SER E 6 -22.80 -25.53 -10.31
C SER E 6 -23.32 -26.80 -9.66
N GLY E 7 -24.63 -26.94 -9.58
CA GLY E 7 -25.26 -28.12 -9.01
C GLY E 7 -25.86 -27.90 -7.62
N GLY E 8 -25.66 -26.71 -7.05
CA GLY E 8 -26.29 -26.38 -5.78
C GLY E 8 -27.81 -26.56 -5.88
N ASP E 9 -28.44 -27.01 -4.81
CA ASP E 9 -29.87 -27.29 -4.84
C ASP E 9 -30.40 -27.50 -3.43
N LEU E 10 -31.73 -27.52 -3.32
CA LEU E 10 -32.38 -27.90 -2.06
C LEU E 10 -32.53 -29.43 -2.08
N VAL E 11 -32.11 -30.11 -1.02
CA VAL E 11 -32.23 -31.58 -0.97
C VAL E 11 -32.70 -32.03 0.40
N GLN E 12 -33.26 -33.25 0.47
CA GLN E 12 -33.74 -33.78 1.72
C GLN E 12 -32.60 -34.39 2.54
N PRO E 13 -32.74 -34.39 3.87
CA PRO E 13 -31.76 -35.07 4.73
C PRO E 13 -31.58 -36.52 4.25
N GLY E 14 -30.34 -37.02 4.26
CA GLY E 14 -30.04 -38.36 3.78
C GLY E 14 -29.63 -38.42 2.32
N ALA E 15 -29.86 -37.34 1.58
CA ALA E 15 -29.61 -37.36 0.13
C ALA E 15 -28.15 -37.33 -0.27
N SER E 16 -27.91 -37.61 -1.55
CA SER E 16 -26.61 -37.45 -2.19
C SER E 16 -26.69 -36.32 -3.22
N LEU E 17 -25.55 -35.71 -3.53
CA LEU E 17 -25.51 -34.59 -4.47
C LEU E 17 -24.09 -34.39 -5.01
N THR E 18 -23.97 -34.14 -6.31
CA THR E 18 -22.68 -33.91 -6.93
C THR E 18 -22.54 -32.47 -7.48
N LEU E 19 -21.53 -31.74 -7.02
CA LEU E 19 -21.27 -30.39 -7.51
C LEU E 19 -20.17 -30.45 -8.56
N THR E 20 -20.20 -29.50 -9.49
CA THR E 20 -19.17 -29.45 -10.54
C THR E 20 -18.45 -28.11 -10.53
N CYS E 21 -17.12 -28.15 -10.68
CA CYS E 21 -16.30 -26.96 -10.83
C CYS E 21 -15.76 -26.91 -12.27
N LYS E 22 -16.18 -25.91 -13.03
CA LYS E 22 -15.81 -25.79 -14.44
C LYS E 22 -14.74 -24.74 -14.69
N ALA E 23 -13.66 -25.17 -15.35
CA ALA E 23 -12.57 -24.25 -15.66
C ALA E 23 -12.76 -23.60 -17.03
N SER E 24 -12.45 -22.31 -17.12
CA SER E 24 -12.51 -21.58 -18.38
C SER E 24 -11.18 -20.87 -18.60
N GLY E 25 -10.67 -20.94 -19.82
CA GLY E 25 -9.44 -20.24 -20.16
C GLY E 25 -8.20 -20.93 -19.70
N PHE E 26 -8.36 -22.15 -19.18
CA PHE E 26 -7.23 -23.04 -18.90
C PHE E 26 -7.75 -24.46 -18.72
N SER E 27 -6.85 -25.41 -18.46
CA SER E 27 -7.24 -26.81 -18.39
C SER E 27 -6.48 -27.59 -17.31
N PHE E 28 -7.07 -28.70 -16.85
CA PHE E 28 -6.51 -29.48 -15.76
C PHE E 28 -5.39 -30.44 -16.19
N GLY E 29 -4.95 -30.33 -17.43
CA GLY E 29 -3.77 -31.05 -17.87
C GLY E 29 -2.48 -30.49 -17.30
N ASN E 30 -2.53 -29.26 -16.79
CA ASN E 30 -1.38 -28.68 -16.07
C ASN E 30 -1.49 -28.99 -14.57
N ASN E 31 -0.47 -28.65 -13.80
CA ASN E 31 -0.39 -28.99 -12.38
C ASN E 31 -0.98 -27.94 -11.45
N TYR E 32 -2.11 -28.26 -10.81
CA TYR E 32 -2.74 -27.35 -9.84
C TYR E 32 -3.27 -28.14 -8.68
N ASP E 33 -3.50 -27.47 -7.54
CA ASP E 33 -4.20 -28.07 -6.41
C ASP E 33 -5.63 -27.52 -6.44
N MET E 34 -6.57 -28.34 -6.90
CA MET E 34 -7.96 -27.92 -7.00
C MET E 34 -8.70 -28.35 -5.73
N CYS E 35 -9.22 -27.38 -4.98
CA CYS E 35 -9.77 -27.71 -3.66
C CYS E 35 -11.17 -27.17 -3.51
N TRP E 36 -11.92 -27.78 -2.59
CA TRP E 36 -13.26 -27.31 -2.28
C TRP E 36 -13.28 -26.78 -0.83
N VAL E 37 -14.00 -25.68 -0.65
CA VAL E 37 -14.12 -24.98 0.64
C VAL E 37 -15.58 -24.60 0.81
N ARG E 38 -16.12 -24.73 2.02
CA ARG E 38 -17.53 -24.35 2.21
C ARG E 38 -17.70 -23.34 3.33
N GLN E 39 -18.87 -22.71 3.37
CA GLN E 39 -19.18 -21.66 4.33
C GLN E 39 -20.68 -21.68 4.68
N ALA E 40 -21.01 -22.05 5.92
CA ALA E 40 -22.40 -22.02 6.35
C ALA E 40 -22.87 -20.57 6.48
N PRO E 41 -24.18 -20.32 6.32
CA PRO E 41 -24.68 -18.95 6.40
C PRO E 41 -24.25 -18.23 7.68
N GLY E 42 -23.52 -17.12 7.52
CA GLY E 42 -23.04 -16.36 8.66
C GLY E 42 -21.84 -16.92 9.40
N LYS E 43 -21.24 -17.97 8.86
CA LYS E 43 -20.13 -18.64 9.55
C LYS E 43 -18.83 -18.50 8.75
N GLY E 44 -17.79 -19.21 9.21
CA GLY E 44 -16.46 -19.07 8.65
C GLY E 44 -16.18 -20.08 7.55
N LEU E 45 -15.00 -19.95 6.93
CA LEU E 45 -14.58 -20.84 5.87
C LEU E 45 -14.12 -22.18 6.45
N GLU E 46 -14.41 -23.27 5.76
CA GLU E 46 -14.03 -24.63 6.21
C GLU E 46 -13.51 -25.46 5.03
N TRP E 47 -12.29 -25.97 5.15
CA TRP E 47 -11.66 -26.75 4.09
C TRP E 47 -12.33 -28.12 4.00
N ILE E 48 -12.62 -28.58 2.80
CA ILE E 48 -13.20 -29.90 2.57
C ILE E 48 -12.18 -30.93 2.09
N GLY E 49 -11.45 -30.60 1.01
CA GLY E 49 -10.47 -31.51 0.43
C GLY E 49 -9.85 -30.96 -0.84
N CYS E 50 -8.88 -31.68 -1.41
CA CYS E 50 -8.19 -31.27 -2.64
C CYS E 50 -7.91 -32.46 -3.57
N ILE E 51 -7.77 -32.15 -4.86
CA ILE E 51 -7.18 -33.07 -5.83
C ILE E 51 -6.06 -32.36 -6.61
N GLU E 52 -4.87 -32.95 -6.66
CA GLU E 52 -3.81 -32.46 -7.54
C GLU E 52 -4.08 -32.88 -8.96
N THR E 53 -3.89 -31.98 -9.92
CA THR E 53 -4.13 -32.34 -11.31
C THR E 53 -2.81 -32.66 -12.04
N GLY E 54 -1.71 -32.63 -11.30
CA GLY E 54 -0.44 -33.11 -11.79
C GLY E 54 -0.07 -34.52 -11.31
N SER E 55 1.20 -34.89 -11.52
CA SER E 55 1.72 -36.26 -11.47
C SER E 55 1.27 -37.23 -10.36
N SER E 56 1.35 -36.81 -9.10
CA SER E 56 0.95 -37.72 -8.02
C SER E 56 -0.57 -37.98 -8.01
N ASP E 57 -1.33 -37.08 -8.66
CA ASP E 57 -2.82 -37.11 -8.65
C ASP E 57 -3.43 -37.45 -7.28
N SER E 58 -2.87 -36.84 -6.24
CA SER E 58 -3.29 -37.11 -4.88
C SER E 58 -4.60 -36.41 -4.51
N ALA E 59 -5.54 -37.19 -4.00
CA ALA E 59 -6.72 -36.69 -3.32
C ALA E 59 -6.48 -36.74 -1.80
N ALA E 60 -6.87 -35.68 -1.09
CA ALA E 60 -6.76 -35.63 0.37
C ALA E 60 -7.96 -34.90 0.95
N TYR E 61 -8.35 -35.25 2.18
CA TYR E 61 -9.59 -34.73 2.75
C TYR E 61 -9.41 -34.25 4.18
N ALA E 62 -10.27 -33.34 4.63
CA ALA E 62 -10.39 -33.07 6.06
C ALA E 62 -10.87 -34.36 6.76
N THR E 63 -10.44 -34.57 8.00
CA THR E 63 -10.89 -35.76 8.72
C THR E 63 -12.41 -35.91 8.73
N TRP E 64 -13.14 -34.82 8.95
CA TRP E 64 -14.62 -34.91 9.01
C TRP E 64 -15.25 -35.38 7.69
N ALA E 65 -14.59 -35.04 6.57
CA ALA E 65 -15.13 -35.35 5.24
C ALA E 65 -14.70 -36.72 4.68
N LYS E 66 -13.57 -37.22 5.18
CA LYS E 66 -12.93 -38.41 4.64
C LYS E 66 -13.89 -39.60 4.65
N GLY E 67 -14.06 -40.24 3.50
CA GLY E 67 -14.97 -41.38 3.38
C GLY E 67 -16.41 -41.07 3.05
N ARG E 68 -16.86 -39.84 3.32
CA ARG E 68 -18.23 -39.46 3.03
C ARG E 68 -18.33 -38.62 1.75
N PHE E 69 -17.31 -37.82 1.48
CA PHE E 69 -17.24 -37.02 0.24
C PHE E 69 -16.13 -37.52 -0.68
N THR E 70 -16.29 -37.35 -2.00
CA THR E 70 -15.16 -37.56 -2.92
C THR E 70 -14.90 -36.35 -3.79
N ILE E 71 -13.64 -36.18 -4.17
CA ILE E 71 -13.28 -35.16 -5.14
C ILE E 71 -12.55 -35.83 -6.30
N SER E 72 -12.96 -35.55 -7.53
CA SER E 72 -12.29 -36.20 -8.66
C SER E 72 -12.25 -35.33 -9.91
N LYS E 73 -11.23 -35.53 -10.72
CA LYS E 73 -11.06 -34.82 -11.99
C LYS E 73 -11.82 -35.57 -13.09
N THR E 74 -12.88 -34.98 -13.62
CA THR E 74 -13.72 -35.69 -14.60
C THR E 74 -13.54 -35.33 -16.10
N SER E 75 -12.71 -34.34 -16.40
CA SER E 75 -12.33 -33.97 -17.76
C SER E 75 -11.26 -32.93 -17.62
N SER E 76 -10.67 -32.49 -18.73
CA SER E 76 -9.61 -31.49 -18.64
C SER E 76 -10.09 -30.13 -18.10
N THR E 77 -11.41 -29.93 -18.05
CA THR E 77 -11.97 -28.70 -17.50
C THR E 77 -13.02 -28.87 -16.41
N THR E 78 -13.20 -30.07 -15.88
CA THR E 78 -14.19 -30.26 -14.80
C THR E 78 -13.66 -31.08 -13.63
N VAL E 79 -13.90 -30.58 -12.41
CA VAL E 79 -13.66 -31.33 -11.15
C VAL E 79 -14.97 -31.41 -10.38
N THR E 80 -15.27 -32.57 -9.81
CA THR E 80 -16.51 -32.72 -9.06
C THR E 80 -16.29 -32.88 -7.55
N LEU E 81 -17.33 -32.56 -6.76
CA LEU E 81 -17.42 -32.93 -5.35
C LEU E 81 -18.68 -33.75 -5.18
N GLN E 82 -18.54 -35.04 -4.88
CA GLN E 82 -19.69 -35.88 -4.61
C GLN E 82 -19.94 -35.98 -3.09
N MET E 83 -21.15 -35.65 -2.66
CA MET E 83 -21.50 -35.69 -1.23
C MET E 83 -22.57 -36.73 -0.95
N THR E 84 -22.45 -37.43 0.17
CA THR E 84 -23.45 -38.43 0.55
C THR E 84 -23.94 -38.20 1.99
N SER E 85 -25.07 -38.81 2.33
CA SER E 85 -25.65 -38.75 3.69
C SER E 85 -25.76 -37.33 4.23
N LEU E 86 -26.31 -36.43 3.42
CA LEU E 86 -26.34 -35.01 3.79
C LEU E 86 -27.24 -34.74 4.99
N THR E 87 -26.79 -33.88 5.89
CA THR E 87 -27.65 -33.35 6.95
C THR E 87 -27.63 -31.82 6.98
N ALA E 88 -28.40 -31.25 7.90
CA ALA E 88 -28.47 -29.80 8.05
C ALA E 88 -27.10 -29.18 8.33
N ALA E 89 -26.20 -29.98 8.92
CA ALA E 89 -24.85 -29.52 9.21
C ALA E 89 -24.07 -29.26 7.91
N ASP E 90 -24.58 -29.74 6.79
CA ASP E 90 -23.94 -29.55 5.48
C ASP E 90 -24.48 -28.39 4.64
N THR E 91 -25.50 -27.70 5.15
CA THR E 91 -26.04 -26.53 4.49
C THR E 91 -24.96 -25.45 4.42
N ALA E 92 -24.66 -24.97 3.21
CA ALA E 92 -23.62 -23.96 3.01
C ALA E 92 -23.50 -23.51 1.56
N THR E 93 -22.72 -22.45 1.33
CA THR E 93 -22.18 -22.17 0.01
C THR E 93 -20.88 -22.96 -0.19
N TYR E 94 -20.76 -23.62 -1.35
CA TYR E 94 -19.57 -24.41 -1.68
C TYR E 94 -18.74 -23.73 -2.78
N PHE E 95 -17.49 -23.44 -2.48
CA PHE E 95 -16.56 -22.81 -3.43
C PHE E 95 -15.56 -23.82 -3.93
N CYS E 96 -15.10 -23.68 -5.17
CA CYS E 96 -13.89 -24.39 -5.58
C CYS E 96 -12.79 -23.37 -5.87
N ALA E 97 -11.53 -23.79 -5.73
CA ALA E 97 -10.43 -22.85 -5.93
C ALA E 97 -9.23 -23.53 -6.57
N ARG E 98 -8.46 -22.77 -7.33
CA ARG E 98 -7.19 -23.24 -7.87
C ARG E 98 -6.03 -22.68 -7.04
N ASN E 99 -5.27 -23.54 -6.36
CA ASN E 99 -4.18 -23.10 -5.49
C ASN E 99 -4.62 -22.00 -4.50
N PHE E 100 -5.89 -22.04 -4.10
CA PHE E 100 -6.47 -21.03 -3.17
C PHE E 100 -6.31 -19.57 -3.65
N ASP E 101 -6.18 -19.42 -4.97
CA ASP E 101 -5.78 -18.16 -5.60
C ASP E 101 -6.90 -17.70 -6.54
N LEU E 102 -7.27 -18.54 -7.50
CA LEU E 102 -8.44 -18.33 -8.33
C LEU E 102 -9.66 -18.97 -7.65
N TRP E 103 -10.75 -18.22 -7.46
CA TRP E 103 -11.97 -18.76 -6.83
C TRP E 103 -13.22 -18.60 -7.70
N GLY E 104 -14.15 -19.54 -7.59
CA GLY E 104 -15.46 -19.39 -8.20
C GLY E 104 -16.38 -18.56 -7.31
N PRO E 105 -17.56 -18.18 -7.83
CA PRO E 105 -18.48 -17.35 -7.06
C PRO E 105 -19.26 -18.17 -6.04
N GLY E 106 -19.20 -19.51 -6.10
CA GLY E 106 -19.86 -20.34 -5.11
C GLY E 106 -21.21 -20.87 -5.58
N THR E 107 -21.62 -22.01 -5.03
CA THR E 107 -22.95 -22.56 -5.34
C THR E 107 -23.58 -23.02 -4.03
N LEU E 108 -24.86 -22.72 -3.86
CA LEU E 108 -25.52 -22.90 -2.56
C LEU E 108 -26.18 -24.27 -2.39
N VAL E 109 -25.94 -24.93 -1.26
CA VAL E 109 -26.59 -26.20 -0.96
C VAL E 109 -27.43 -26.05 0.31
N ILE E 110 -28.71 -26.41 0.24
CA ILE E 110 -29.59 -26.33 1.39
C ILE E 110 -30.13 -27.72 1.70
N VAL E 111 -29.90 -28.23 2.90
CA VAL E 111 -30.39 -29.56 3.28
C VAL E 111 -31.52 -29.42 4.29
N SER E 112 -32.74 -29.72 3.86
CA SER E 112 -33.92 -29.45 4.67
C SER E 112 -35.12 -30.24 4.15
N SER E 113 -36.02 -30.60 5.06
CA SER E 113 -37.26 -31.28 4.67
C SER E 113 -38.39 -30.28 4.40
N GLY E 114 -38.07 -29.00 4.54
CA GLY E 114 -38.99 -27.96 4.13
C GLY E 114 -39.26 -28.06 2.66
N GLN E 115 -40.44 -27.63 2.27
CA GLN E 115 -40.80 -27.61 0.87
C GLN E 115 -40.69 -26.18 0.34
N PRO E 116 -40.25 -26.01 -0.91
CA PRO E 116 -40.01 -24.68 -1.46
C PRO E 116 -41.30 -23.88 -1.49
N LYS E 117 -41.19 -22.56 -1.34
CA LYS E 117 -42.33 -21.66 -1.41
C LYS E 117 -41.95 -20.37 -2.15
N ALA E 118 -42.72 -20.02 -3.18
CA ALA E 118 -42.41 -18.88 -4.03
C ALA E 118 -42.73 -17.58 -3.29
N PRO E 119 -41.98 -16.50 -3.58
CA PRO E 119 -42.19 -15.23 -2.89
C PRO E 119 -43.45 -14.50 -3.36
N SER E 120 -44.04 -13.71 -2.47
CA SER E 120 -45.00 -12.70 -2.86
C SER E 120 -44.26 -11.37 -3.01
N VAL E 121 -44.57 -10.63 -4.06
CA VAL E 121 -43.90 -9.36 -4.32
C VAL E 121 -44.88 -8.18 -4.24
N PHE E 122 -44.56 -7.18 -3.41
CA PHE E 122 -45.42 -6.01 -3.25
C PHE E 122 -44.64 -4.72 -3.52
N PRO E 123 -45.28 -3.73 -4.15
CA PRO E 123 -44.57 -2.48 -4.45
C PRO E 123 -44.39 -1.57 -3.23
N LEU E 124 -43.32 -0.80 -3.21
CA LEU E 124 -43.08 0.17 -2.15
C LEU E 124 -43.02 1.56 -2.77
N ALA E 125 -43.86 2.45 -2.27
CA ALA E 125 -43.91 3.83 -2.76
C ALA E 125 -44.37 4.74 -1.64
N PRO E 126 -43.90 6.01 -1.64
CA PRO E 126 -44.26 6.98 -0.59
C PRO E 126 -45.77 7.15 -0.48
N CYS E 127 -46.26 7.53 0.69
CA CYS E 127 -47.69 7.68 0.91
C CYS E 127 -48.27 8.75 -0.01
N CYS E 128 -49.47 8.48 -0.53
CA CYS E 128 -50.18 9.39 -1.42
C CYS E 128 -50.08 10.86 -1.02
N GLY E 129 -49.46 11.67 -1.89
CA GLY E 129 -49.39 13.11 -1.68
C GLY E 129 -48.26 13.65 -0.83
N ASP E 130 -47.30 12.79 -0.45
CA ASP E 130 -46.13 13.25 0.30
C ASP E 130 -45.33 14.30 -0.50
N THR E 131 -44.41 15.00 0.18
CA THR E 131 -43.61 16.04 -0.46
C THR E 131 -42.26 15.51 -0.98
N PRO E 132 -42.06 15.54 -2.30
CA PRO E 132 -40.82 15.07 -2.96
C PRO E 132 -39.77 16.18 -3.14
N SER E 133 -39.67 16.71 -4.36
CA SER E 133 -38.91 17.92 -4.69
C SER E 133 -37.38 17.76 -4.82
N SER E 134 -36.92 16.51 -4.85
CA SER E 134 -35.53 16.23 -5.19
C SER E 134 -35.44 14.92 -5.95
N THR E 135 -35.70 13.82 -5.26
CA THR E 135 -35.72 12.49 -5.86
C THR E 135 -36.96 11.72 -5.41
N VAL E 136 -37.25 10.59 -6.06
CA VAL E 136 -38.21 9.66 -5.47
C VAL E 136 -37.58 8.28 -5.34
N THR E 137 -37.77 7.66 -4.19
CA THR E 137 -37.26 6.32 -3.97
C THR E 137 -38.43 5.35 -4.01
N LEU E 138 -38.32 4.34 -4.88
CA LEU E 138 -39.33 3.31 -5.03
C LEU E 138 -38.71 1.96 -4.69
N GLY E 139 -39.54 0.92 -4.56
CA GLY E 139 -39.01 -0.37 -4.19
C GLY E 139 -39.95 -1.56 -4.32
N CYS E 140 -39.42 -2.74 -3.98
CA CYS E 140 -40.23 -3.95 -3.94
C CYS E 140 -39.89 -4.74 -2.67
N LEU E 141 -40.92 -5.13 -1.94
CA LEU E 141 -40.81 -6.05 -0.82
C LEU E 141 -41.06 -7.47 -1.29
N VAL E 142 -40.13 -8.37 -0.99
CA VAL E 142 -40.16 -9.76 -1.45
C VAL E 142 -40.31 -10.63 -0.21
N LYS E 143 -41.46 -11.28 -0.08
CA LYS E 143 -41.87 -11.81 1.22
C LYS E 143 -42.27 -13.28 1.13
N GLY E 144 -41.96 -14.03 2.19
CA GLY E 144 -42.47 -15.39 2.35
C GLY E 144 -41.90 -16.47 1.45
N TYR E 145 -40.60 -16.41 1.17
CA TYR E 145 -39.99 -17.42 0.30
C TYR E 145 -39.08 -18.43 1.01
N LEU E 146 -38.91 -19.59 0.39
CA LEU E 146 -38.07 -20.64 0.95
C LEU E 146 -37.71 -21.61 -0.16
N PRO E 147 -36.44 -22.02 -0.24
CA PRO E 147 -35.31 -21.51 0.53
C PRO E 147 -34.66 -20.33 -0.18
N GLU E 148 -33.53 -19.88 0.35
CA GLU E 148 -32.73 -18.86 -0.29
C GLU E 148 -32.03 -19.44 -1.51
N PRO E 149 -31.66 -18.59 -2.49
CA PRO E 149 -31.83 -17.14 -2.54
C PRO E 149 -32.91 -16.68 -3.50
N VAL E 150 -33.18 -15.37 -3.50
CA VAL E 150 -33.85 -14.74 -4.63
C VAL E 150 -32.84 -13.78 -5.27
N THR E 151 -33.05 -13.46 -6.55
CA THR E 151 -32.26 -12.42 -7.21
C THR E 151 -33.18 -11.30 -7.65
N VAL E 152 -32.79 -10.05 -7.39
CA VAL E 152 -33.60 -8.92 -7.77
C VAL E 152 -32.84 -8.04 -8.77
N THR E 153 -33.47 -7.72 -9.90
CA THR E 153 -32.95 -6.71 -10.82
C THR E 153 -34.01 -5.65 -11.07
N TRP E 154 -33.60 -4.53 -11.65
CA TRP E 154 -34.51 -3.47 -12.04
C TRP E 154 -34.40 -3.22 -13.54
N ASN E 155 -35.55 -3.06 -14.19
CA ASN E 155 -35.65 -2.95 -15.64
C ASN E 155 -34.74 -3.92 -16.37
N SER E 156 -34.83 -5.18 -15.99
CA SER E 156 -34.10 -6.28 -16.62
C SER E 156 -32.59 -6.07 -16.61
N GLY E 157 -32.09 -5.34 -15.62
CA GLY E 157 -30.67 -5.17 -15.45
C GLY E 157 -30.11 -3.91 -16.09
N THR E 158 -30.96 -3.08 -16.67
CA THR E 158 -30.51 -1.84 -17.29
C THR E 158 -30.52 -0.68 -16.29
N LEU E 159 -31.18 -0.87 -15.16
CA LEU E 159 -31.17 0.12 -14.08
C LEU E 159 -30.30 -0.41 -12.95
N THR E 160 -29.17 0.25 -12.73
CA THR E 160 -28.09 -0.34 -11.95
C THR E 160 -27.64 0.59 -10.82
N ASN E 161 -27.65 1.89 -11.08
CA ASN E 161 -27.21 2.88 -10.11
C ASN E 161 -28.33 3.28 -9.18
N GLY E 162 -27.97 3.46 -7.91
CA GLY E 162 -28.94 3.93 -6.94
C GLY E 162 -29.82 2.82 -6.43
N VAL E 163 -29.35 1.58 -6.56
CA VAL E 163 -30.09 0.41 -6.10
C VAL E 163 -29.54 -0.12 -4.78
N ARG E 164 -30.41 -0.26 -3.78
CA ARG E 164 -30.01 -0.92 -2.53
C ARG E 164 -30.87 -2.14 -2.29
N THR E 165 -30.24 -3.31 -2.22
CA THR E 165 -30.93 -4.56 -1.94
C THR E 165 -30.44 -5.14 -0.63
N PHE E 166 -31.30 -5.10 0.38
CA PHE E 166 -30.92 -5.44 1.74
C PHE E 166 -30.78 -6.94 1.90
N PRO E 167 -29.90 -7.37 2.81
CA PRO E 167 -29.74 -8.82 3.04
C PRO E 167 -31.04 -9.41 3.57
N SER E 168 -31.29 -10.67 3.25
CA SER E 168 -32.54 -11.30 3.62
C SER E 168 -32.56 -11.51 5.13
N VAL E 169 -33.76 -11.65 5.68
CA VAL E 169 -33.92 -12.03 7.08
C VAL E 169 -34.90 -13.19 7.16
N ARG E 170 -34.58 -14.17 8.00
CA ARG E 170 -35.45 -15.33 8.20
C ARG E 170 -36.46 -15.04 9.29
N GLN E 171 -37.73 -15.10 8.94
CA GLN E 171 -38.79 -14.91 9.92
C GLN E 171 -38.93 -16.16 10.79
N SER E 172 -39.83 -16.12 11.77
CA SER E 172 -40.04 -17.26 12.68
C SER E 172 -40.54 -18.50 11.92
N SER E 173 -41.35 -18.26 10.89
CA SER E 173 -41.82 -19.31 9.97
C SER E 173 -40.69 -20.13 9.40
N GLY E 174 -39.53 -19.50 9.33
CA GLY E 174 -38.49 -20.02 8.50
C GLY E 174 -38.70 -19.51 7.09
N LEU E 175 -39.66 -18.60 6.88
CA LEU E 175 -39.73 -18.01 5.55
C LEU E 175 -38.87 -16.76 5.50
N TYR E 176 -38.28 -16.49 4.34
CA TYR E 176 -37.41 -15.33 4.19
C TYR E 176 -38.11 -14.11 3.61
N SER E 177 -37.55 -12.95 3.90
CA SER E 177 -38.03 -11.70 3.36
C SER E 177 -36.88 -10.72 3.11
N LEU E 178 -36.96 -9.96 2.02
CA LEU E 178 -36.06 -8.83 1.82
C LEU E 178 -36.76 -7.72 1.06
N SER E 179 -36.12 -6.55 1.02
CA SER E 179 -36.58 -5.39 0.25
C SER E 179 -35.48 -4.92 -0.68
N SER E 180 -35.88 -4.38 -1.82
CA SER E 180 -34.94 -3.68 -2.69
C SER E 180 -35.53 -2.31 -3.04
N VAL E 181 -34.71 -1.26 -2.95
CA VAL E 181 -35.18 0.08 -3.29
C VAL E 181 -34.26 0.76 -4.28
N VAL E 182 -34.81 1.70 -5.04
CA VAL E 182 -34.05 2.40 -6.06
C VAL E 182 -34.48 3.89 -6.15
N SER E 183 -33.49 4.76 -6.23
CA SER E 183 -33.77 6.18 -6.31
C SER E 183 -33.80 6.60 -7.77
N VAL E 184 -34.91 7.20 -8.17
CA VAL E 184 -35.07 7.67 -9.54
C VAL E 184 -35.57 9.09 -9.60
N THR E 185 -35.08 9.80 -10.61
CA THR E 185 -35.49 11.19 -10.84
C THR E 185 -37.00 11.37 -11.01
N SER E 186 -37.55 12.33 -10.27
CA SER E 186 -38.99 12.59 -10.17
C SER E 186 -39.68 12.78 -11.54
N SER E 187 -40.93 12.30 -11.62
CA SER E 187 -41.76 12.39 -12.83
C SER E 187 -41.22 11.59 -14.03
N SER E 188 -40.51 10.49 -13.75
CA SER E 188 -39.89 9.71 -14.81
C SER E 188 -40.76 8.57 -15.34
N GLN E 189 -40.19 7.76 -16.22
CA GLN E 189 -40.86 6.59 -16.77
C GLN E 189 -40.76 5.40 -15.80
N PRO E 190 -41.92 4.78 -15.49
CA PRO E 190 -42.09 3.76 -14.44
C PRO E 190 -40.99 2.68 -14.42
N VAL E 191 -40.70 2.18 -13.23
CA VAL E 191 -39.65 1.19 -13.04
C VAL E 191 -40.23 -0.16 -12.64
N THR E 192 -39.53 -1.23 -12.98
CA THR E 192 -40.02 -2.57 -12.76
C THR E 192 -38.97 -3.42 -12.06
N CYS E 193 -39.31 -4.01 -10.92
CA CYS E 193 -38.42 -4.98 -10.31
C CYS E 193 -38.70 -6.38 -10.86
N ASN E 194 -37.63 -7.13 -11.13
CA ASN E 194 -37.71 -8.51 -11.60
C ASN E 194 -37.19 -9.42 -10.50
N VAL E 195 -38.05 -10.25 -9.95
CA VAL E 195 -37.68 -11.08 -8.81
C VAL E 195 -37.68 -12.54 -9.23
N ALA E 196 -36.53 -13.18 -9.19
CA ALA E 196 -36.43 -14.58 -9.57
C ALA E 196 -36.15 -15.45 -8.34
N HIS E 197 -36.81 -16.61 -8.29
CA HIS E 197 -36.65 -17.57 -7.22
C HIS E 197 -36.41 -18.95 -7.83
N PRO E 198 -35.12 -19.30 -8.04
CA PRO E 198 -34.73 -20.53 -8.75
C PRO E 198 -35.34 -21.82 -8.17
N ALA E 199 -35.51 -21.89 -6.85
CA ALA E 199 -36.03 -23.11 -6.22
C ALA E 199 -37.47 -23.44 -6.61
N THR E 200 -38.24 -22.43 -7.01
CA THR E 200 -39.62 -22.66 -7.44
C THR E 200 -39.80 -22.40 -8.93
N ASN E 201 -38.70 -22.09 -9.62
CA ASN E 201 -38.71 -21.80 -11.06
C ASN E 201 -39.59 -20.60 -11.42
N THR E 202 -39.69 -19.65 -10.51
CA THR E 202 -40.56 -18.50 -10.73
C THR E 202 -39.76 -17.22 -10.97
N LYS E 203 -40.36 -16.34 -11.76
CA LYS E 203 -39.86 -14.99 -11.93
C LYS E 203 -41.04 -14.05 -11.98
N VAL E 204 -41.05 -13.06 -11.09
CA VAL E 204 -42.15 -12.10 -11.04
C VAL E 204 -41.68 -10.69 -11.39
N ASP E 205 -42.47 -9.98 -12.20
CA ASP E 205 -42.22 -8.57 -12.47
C ASP E 205 -43.24 -7.72 -11.73
N LYS E 206 -42.78 -6.61 -11.16
CA LYS E 206 -43.71 -5.68 -10.54
C LYS E 206 -43.34 -4.26 -10.94
N THR E 207 -44.24 -3.61 -11.67
CA THR E 207 -44.00 -2.23 -12.08
C THR E 207 -44.46 -1.26 -11.00
N VAL E 208 -43.58 -0.36 -10.57
CA VAL E 208 -43.89 0.58 -9.50
C VAL E 208 -43.96 2.01 -10.00
N ALA E 209 -45.05 2.69 -9.72
CA ALA E 209 -45.25 4.07 -10.17
C ALA E 209 -45.15 4.95 -8.95
N PRO E 210 -44.55 6.15 -9.11
CA PRO E 210 -44.44 7.09 -7.99
C PRO E 210 -45.81 7.28 -7.40
N SER E 211 -45.79 7.45 -6.08
CA SER E 211 -46.85 7.07 -5.17
C SER E 211 -48.14 6.53 -5.83
N THR E 212 -49.02 7.37 -6.38
CA THR E 212 -49.07 8.82 -6.24
C THR E 212 -50.51 9.13 -5.92
N CYS E 213 -50.77 10.18 -5.17
CA CYS E 213 -52.14 10.66 -4.96
C CYS E 213 -52.19 12.18 -5.02
N THR F 3 4.68 -37.31 -4.60
CA THR F 3 3.76 -37.41 -3.48
C THR F 3 3.44 -36.04 -2.89
N ARG F 4 2.19 -35.88 -2.44
CA ARG F 4 1.72 -34.63 -1.85
C ARG F 4 2.30 -34.43 -0.46
N LYS F 5 2.85 -33.26 -0.21
CA LYS F 5 3.37 -32.93 1.11
C LYS F 5 2.37 -32.11 1.94
N SER F 6 1.71 -31.15 1.28
CA SER F 6 0.84 -30.20 1.98
C SER F 6 -0.28 -29.74 1.04
N ILE F 7 -0.77 -28.52 1.22
CA ILE F 7 -1.61 -27.89 0.21
C ILE F 7 -0.77 -26.83 -0.49
N HIS F 8 -1.04 -26.58 -1.76
CA HIS F 8 -0.31 -25.53 -2.45
C HIS F 8 -1.11 -24.21 -2.52
N ILE F 9 -0.53 -23.14 -1.97
CA ILE F 9 -1.16 -21.82 -1.96
C ILE F 9 -0.38 -20.82 -2.83
N GLY F 10 -1.06 -20.19 -3.78
CA GLY F 10 -0.46 -19.14 -4.57
C GLY F 10 0.11 -19.65 -5.87
N PRO F 11 0.85 -18.80 -6.60
CA PRO F 11 1.42 -19.11 -7.91
C PRO F 11 2.32 -20.34 -7.86
N GLY F 12 2.30 -21.14 -8.93
CA GLY F 12 3.07 -22.37 -8.96
C GLY F 12 4.45 -22.19 -9.54
#